data_6GLW
#
_entry.id   6GLW
#
_cell.length_a   61.634
_cell.length_b   89.220
_cell.length_c   249.275
_cell.angle_alpha   90.00
_cell.angle_beta   90.00
_cell.angle_gamma   90.00
#
_symmetry.space_group_name_H-M   'P 21 21 21'
#
loop_
_entity.id
_entity.type
_entity.pdbx_description
1 polymer Galectin-10
2 polymer 'Fab 1D11 - Heavy chain'
3 polymer 'Fab 1D11 - Light chain'
4 non-polymer 'TETRAETHYLENE GLYCOL'
5 non-polymer 'ACETATE ION'
6 water water
#
loop_
_entity_poly.entity_id
_entity_poly.type
_entity_poly.pdbx_seq_one_letter_code
_entity_poly.pdbx_strand_id
1 'polypeptide(L)'
;MASTTHHHHHHDTDIPTTGGGSRPDDDDKENLYFQGHMSLLPVPYTEAASLSTGSTVTIKGRPLACFLNEPYLQVDFHTE
MKEESDIVFHFQVCFGRRVVMNSREYGAWKQQVESKNMPFQDGQEFELSISVLPDKYQVMVNGQSSYTFDHRIKPEAVKM
VQVWRDISLTKFNVSYLKR
;
A,B
2 'polypeptide(L)'
;QVQLVESGGGLVQPGGSLRLSCAASGFTFDDYAMSWVRQAPGKGLEWVSGISWNGGSTYYAESMKGRFTISRDNAKNTLY
LQMNSLKSEDTAVYYCAKDRNLGYRLGYPYDYWGQGTQVTVSSASTKGPSVFPLAPSSKSTSGGTAALGCLVKDYFPEPV
TVSWNSGALTSGVHTFPAVLQSSGLYSLSSVVTVPSSSLGTQTYICNVNHKPSNTKVDKKVEPKSCDKTH
;
C,H
3 'polypeptide(L)'
;QSVLTQPPSVSGSPGETVTISCAGTSSDVGYGNYVSWYQQLPGMAPRLLIYEVNKRASGITDRFSGSKSGNTASLTISGL
QSEDEGDYYCASYRSSNNAVFGGGTHLTVLGQPKAAPSVTLFPPSSEELQANKATLVCLISDFYPGAVTVAWKADSSPVK
AGVETTTPSKQSNNKYAASSYLSLTPEQWKSHRSYSCQVTHEGSTVEKTVAPTECS
;
D,L
#
# COMPACT_ATOMS: atom_id res chain seq x y z
N SER A 39 9.34 27.31 -8.29
CA SER A 39 8.98 28.46 -9.11
C SER A 39 10.12 28.88 -10.03
N LEU A 40 11.35 29.00 -9.50
CA LEU A 40 12.52 29.40 -10.29
C LEU A 40 13.16 28.22 -11.04
N LEU A 41 13.03 26.97 -10.49
CA LEU A 41 13.57 25.75 -11.09
C LEU A 41 12.43 24.94 -11.75
N PRO A 42 12.60 24.41 -12.99
CA PRO A 42 11.48 23.67 -13.60
C PRO A 42 11.23 22.31 -12.96
N VAL A 43 10.01 21.85 -13.06
CA VAL A 43 9.64 20.54 -12.51
C VAL A 43 8.95 19.80 -13.65
N PRO A 44 9.39 18.58 -14.05
CA PRO A 44 10.46 17.73 -13.49
C PRO A 44 11.84 18.36 -13.57
N TYR A 45 12.62 18.20 -12.49
CA TYR A 45 13.99 18.68 -12.38
C TYR A 45 14.92 17.42 -12.31
N THR A 46 15.90 17.35 -13.20
CA THR A 46 16.82 16.21 -13.31
C THR A 46 18.27 16.70 -13.33
N GLU A 47 19.14 16.08 -12.51
CA GLU A 47 20.53 16.47 -12.39
C GLU A 47 21.45 15.28 -12.19
N ALA A 48 22.63 15.30 -12.86
CA ALA A 48 23.69 14.32 -12.67
C ALA A 48 24.22 14.52 -11.23
N ALA A 49 24.43 13.44 -10.50
CA ALA A 49 24.86 13.54 -9.10
C ALA A 49 25.65 12.31 -8.67
N SER A 50 26.43 12.44 -7.59
CA SER A 50 27.13 11.32 -6.98
C SER A 50 26.98 11.50 -5.47
N LEU A 51 26.86 10.38 -4.74
CA LEU A 51 26.63 10.39 -3.29
C LEU A 51 27.53 9.43 -2.56
N SER A 52 27.87 9.74 -1.32
CA SER A 52 28.61 8.88 -0.41
C SER A 52 28.26 9.31 1.00
N THR A 53 28.82 8.66 2.02
CA THR A 53 28.54 9.03 3.42
C THR A 53 28.90 10.50 3.61
N GLY A 54 27.98 11.25 4.19
CA GLY A 54 28.19 12.67 4.45
C GLY A 54 27.50 13.57 3.44
N SER A 55 27.10 13.01 2.27
CA SER A 55 26.34 13.78 1.26
C SER A 55 24.96 14.17 1.78
N THR A 56 24.49 15.34 1.36
CA THR A 56 23.17 15.80 1.69
C THR A 56 22.48 16.33 0.41
N VAL A 57 21.23 15.91 0.18
CA VAL A 57 20.41 16.41 -0.90
C VAL A 57 19.37 17.37 -0.27
N THR A 58 19.46 18.66 -0.58
CA THR A 58 18.56 19.69 -0.05
C THR A 58 17.57 20.10 -1.12
N ILE A 59 16.29 20.06 -0.76
CA ILE A 59 15.17 20.39 -1.67
C ILE A 59 14.25 21.37 -0.98
N LYS A 60 14.09 22.57 -1.57
CA LYS A 60 13.14 23.56 -1.03
C LYS A 60 12.04 23.72 -2.05
N GLY A 61 10.79 23.58 -1.61
CA GLY A 61 9.68 23.67 -2.53
C GLY A 61 8.34 23.89 -1.86
N ARG A 62 7.28 23.87 -2.64
CA ARG A 62 5.94 24.07 -2.13
C ARG A 62 4.97 23.21 -2.94
N PRO A 63 3.97 22.54 -2.32
CA PRO A 63 3.00 21.78 -3.13
C PRO A 63 2.19 22.73 -4.01
N LEU A 64 1.79 22.25 -5.17
CA LEU A 64 1.03 23.04 -6.15
C LEU A 64 -0.45 23.14 -5.83
N ALA A 65 -0.96 22.32 -4.89
CA ALA A 65 -2.38 22.30 -4.48
C ALA A 65 -2.54 22.14 -2.97
N CYS A 66 -3.75 22.42 -2.46
CA CYS A 66 -4.12 22.22 -1.05
C CYS A 66 -4.04 20.70 -0.76
N PHE A 67 -3.80 20.34 0.50
CA PHE A 67 -3.70 18.94 0.90
C PHE A 67 -4.96 18.14 0.61
N LEU A 68 -6.15 18.78 0.62
CA LEU A 68 -7.40 18.10 0.29
C LEU A 68 -7.32 17.46 -1.10
N ASN A 69 -6.61 18.14 -2.05
CA ASN A 69 -6.47 17.64 -3.44
C ASN A 69 -5.37 16.62 -3.62
N GLU A 70 -4.70 16.24 -2.51
CA GLU A 70 -3.64 15.21 -2.52
C GLU A 70 -2.57 15.40 -3.60
N PRO A 71 -1.84 16.55 -3.59
CA PRO A 71 -0.72 16.67 -4.54
C PRO A 71 0.38 15.70 -4.11
N TYR A 72 1.21 15.24 -5.05
CA TYR A 72 2.34 14.35 -4.71
C TYR A 72 3.67 15.09 -4.86
N LEU A 73 4.68 14.55 -4.26
CA LEU A 73 6.09 14.93 -4.43
C LEU A 73 6.84 13.60 -4.63
N GLN A 74 7.70 13.51 -5.65
CA GLN A 74 8.54 12.33 -5.83
C GLN A 74 10.00 12.71 -6.01
N VAL A 75 10.87 12.04 -5.25
CA VAL A 75 12.33 12.20 -5.31
C VAL A 75 12.91 10.80 -5.58
N ASP A 76 13.60 10.63 -6.72
CA ASP A 76 14.22 9.36 -7.13
C ASP A 76 15.73 9.51 -7.34
N PHE A 77 16.50 8.66 -6.66
CA PHE A 77 17.96 8.59 -6.81
C PHE A 77 18.18 7.42 -7.78
N HIS A 78 18.56 7.74 -9.01
CA HIS A 78 18.76 6.77 -10.11
C HIS A 78 20.17 6.24 -10.29
N THR A 79 20.31 5.00 -10.81
CA THR A 79 21.63 4.41 -11.08
C THR A 79 22.26 4.94 -12.39
N GLU A 80 21.45 5.52 -13.28
CA GLU A 80 21.92 6.05 -14.57
C GLU A 80 21.17 7.34 -14.91
N MET A 81 21.65 8.08 -15.92
CA MET A 81 21.02 9.31 -16.38
C MET A 81 19.63 9.09 -16.98
N LYS A 82 19.38 7.94 -17.61
CA LYS A 82 18.07 7.66 -18.20
C LYS A 82 16.98 7.42 -17.13
N GLU A 83 15.77 7.99 -17.36
CA GLU A 83 14.62 7.92 -16.44
C GLU A 83 14.14 6.47 -16.15
N GLU A 84 14.32 5.57 -17.13
CA GLU A 84 13.91 4.17 -16.97
C GLU A 84 14.94 3.36 -16.14
N SER A 85 16.07 3.98 -15.75
CA SER A 85 17.08 3.23 -14.98
C SER A 85 16.57 2.88 -13.60
N ASP A 86 17.26 1.93 -12.96
CA ASP A 86 16.97 1.53 -11.59
C ASP A 86 17.01 2.68 -10.62
N ILE A 87 16.23 2.57 -9.55
CA ILE A 87 16.11 3.59 -8.54
C ILE A 87 16.62 3.03 -7.23
N VAL A 88 17.72 3.61 -6.74
CA VAL A 88 18.37 3.26 -5.47
C VAL A 88 17.46 3.69 -4.31
N PHE A 89 16.86 4.88 -4.42
CA PHE A 89 15.99 5.42 -3.38
C PHE A 89 14.85 6.20 -4.03
N HIS A 90 13.63 5.75 -3.74
CA HIS A 90 12.38 6.35 -4.22
C HIS A 90 11.66 6.87 -2.98
N PHE A 91 11.37 8.18 -2.96
CA PHE A 91 10.70 8.85 -1.85
C PHE A 91 9.47 9.55 -2.44
N GLN A 92 8.27 9.05 -2.07
CA GLN A 92 7.02 9.58 -2.60
CA GLN A 92 7.02 9.60 -2.60
C GLN A 92 6.08 10.05 -1.50
N VAL A 93 5.75 11.35 -1.51
CA VAL A 93 4.84 11.95 -0.53
C VAL A 93 3.49 12.15 -1.17
N CYS A 94 2.42 11.62 -0.56
CA CYS A 94 1.05 11.99 -0.90
C CYS A 94 0.67 12.98 0.23
N PHE A 95 0.91 14.28 -0.01
CA PHE A 95 0.70 15.36 0.98
C PHE A 95 -0.64 15.28 1.72
N GLY A 96 -0.57 15.27 3.05
CA GLY A 96 -1.73 15.14 3.95
C GLY A 96 -2.17 13.70 4.16
N ARG A 97 -1.57 12.73 3.45
CA ARG A 97 -2.02 11.34 3.58
C ARG A 97 -0.92 10.36 4.03
N ARG A 98 0.09 10.12 3.20
N ARG A 98 0.08 10.09 3.18
CA ARG A 98 1.15 9.17 3.55
CA ARG A 98 1.12 9.12 3.51
C ARG A 98 2.43 9.38 2.78
C ARG A 98 2.43 9.37 2.77
N VAL A 99 3.49 8.65 3.20
CA VAL A 99 4.79 8.65 2.53
C VAL A 99 5.11 7.20 2.22
N VAL A 100 5.61 6.99 0.99
CA VAL A 100 6.01 5.68 0.48
CA VAL A 100 6.05 5.67 0.57
C VAL A 100 7.49 5.74 0.08
N MET A 101 8.27 4.73 0.46
CA MET A 101 9.66 4.63 0.07
C MET A 101 9.86 3.25 -0.51
N ASN A 102 10.78 3.15 -1.50
CA ASN A 102 11.08 1.89 -2.17
C ASN A 102 12.34 2.05 -3.01
N SER A 103 12.67 0.99 -3.73
CA SER A 103 13.74 0.92 -4.71
C SER A 103 13.21 0.19 -5.92
N ARG A 104 13.81 0.43 -7.08
CA ARG A 104 13.41 -0.28 -8.30
C ARG A 104 14.71 -0.91 -8.80
N GLU A 105 14.77 -2.25 -8.76
CA GLU A 105 15.99 -3.02 -9.07
C GLU A 105 15.71 -4.04 -10.14
N TYR A 106 16.55 -4.05 -11.19
CA TYR A 106 16.37 -4.90 -12.38
C TYR A 106 14.96 -4.64 -12.96
N GLY A 107 14.56 -3.36 -12.98
CA GLY A 107 13.28 -2.90 -13.51
C GLY A 107 12.03 -3.17 -12.69
N ALA A 108 12.17 -3.78 -11.50
CA ALA A 108 11.03 -4.11 -10.66
C ALA A 108 11.04 -3.38 -9.30
N TRP A 109 9.84 -2.89 -8.88
CA TRP A 109 9.64 -2.27 -7.57
C TRP A 109 9.84 -3.35 -6.51
N LYS A 110 10.59 -3.03 -5.45
CA LYS A 110 10.89 -4.01 -4.42
C LYS A 110 9.94 -3.85 -3.25
N GLN A 111 10.40 -4.08 -2.01
CA GLN A 111 9.54 -3.99 -0.83
C GLN A 111 9.18 -2.55 -0.48
N GLN A 112 7.89 -2.23 -0.53
CA GLN A 112 7.41 -0.90 -0.19
C GLN A 112 7.45 -0.68 1.32
N VAL A 113 7.90 0.53 1.73
CA VAL A 113 7.93 0.99 3.12
C VAL A 113 6.89 2.16 3.16
N GLU A 114 5.97 2.14 4.12
CA GLU A 114 4.93 3.17 4.26
C GLU A 114 4.99 3.82 5.65
N SER A 115 4.74 5.12 5.71
CA SER A 115 4.70 5.93 6.92
C SER A 115 3.53 6.92 6.86
N LYS A 116 2.79 7.08 7.95
CA LYS A 116 1.72 8.07 8.00
C LYS A 116 2.21 9.34 8.72
N ASN A 117 3.52 9.42 9.01
CA ASN A 117 4.13 10.62 9.56
C ASN A 117 4.00 11.72 8.52
N MET A 118 3.46 12.88 8.93
CA MET A 118 3.17 14.00 8.02
C MET A 118 3.62 15.36 8.58
N PRO A 119 4.95 15.65 8.60
CA PRO A 119 5.40 16.96 9.12
C PRO A 119 5.12 18.10 8.13
N PHE A 120 4.91 17.78 6.84
CA PHE A 120 4.59 18.79 5.80
C PHE A 120 3.27 19.49 6.17
N GLN A 121 3.24 20.84 6.10
CA GLN A 121 2.09 21.65 6.48
C GLN A 121 1.35 22.15 5.25
N ASP A 122 0.02 22.09 5.31
CA ASP A 122 -0.86 22.47 4.21
C ASP A 122 -0.60 23.90 3.74
N GLY A 123 -0.34 24.05 2.44
CA GLY A 123 -0.09 25.33 1.78
C GLY A 123 1.23 26.00 2.08
N GLN A 124 2.14 25.29 2.74
CA GLN A 124 3.41 25.89 3.13
C GLN A 124 4.57 25.41 2.31
N GLU A 125 5.61 26.26 2.27
CA GLU A 125 6.87 25.94 1.67
C GLU A 125 7.55 24.93 2.64
N PHE A 126 8.28 23.96 2.13
CA PHE A 126 8.96 22.99 2.97
C PHE A 126 10.45 22.95 2.61
N GLU A 127 11.24 22.42 3.55
CA GLU A 127 12.66 22.18 3.31
C GLU A 127 12.90 20.70 3.59
N LEU A 128 13.32 19.98 2.56
CA LEU A 128 13.58 18.55 2.62
C LEU A 128 15.11 18.33 2.55
N SER A 129 15.66 17.61 3.53
CA SER A 129 17.08 17.33 3.62
C SER A 129 17.30 15.81 3.75
N ILE A 130 17.90 15.18 2.72
CA ILE A 130 18.18 13.75 2.68
C ILE A 130 19.68 13.56 2.89
N SER A 131 20.06 13.03 4.07
CA SER A 131 21.45 12.79 4.46
C SER A 131 21.82 11.34 4.20
N VAL A 132 23.05 11.11 3.73
CA VAL A 132 23.58 9.77 3.44
C VAL A 132 24.46 9.36 4.61
N LEU A 133 24.01 8.35 5.31
CA LEU A 133 24.74 7.80 6.46
C LEU A 133 25.27 6.44 6.03
N PRO A 134 26.23 5.80 6.76
CA PRO A 134 26.77 4.52 6.27
C PRO A 134 25.74 3.40 6.06
N ASP A 135 24.66 3.40 6.84
CA ASP A 135 23.65 2.33 6.82
C ASP A 135 22.31 2.70 6.22
N LYS A 136 22.00 4.01 6.16
CA LYS A 136 20.70 4.46 5.69
C LYS A 136 20.70 5.91 5.22
N TYR A 137 19.57 6.34 4.65
CA TYR A 137 19.30 7.73 4.38
C TYR A 137 18.49 8.21 5.57
N GLN A 138 18.76 9.44 6.02
CA GLN A 138 17.95 10.09 7.03
C GLN A 138 17.26 11.23 6.30
N VAL A 139 15.92 11.28 6.40
CA VAL A 139 15.09 12.29 5.73
C VAL A 139 14.56 13.27 6.77
N MET A 140 15.02 14.51 6.70
CA MET A 140 14.57 15.59 7.57
C MET A 140 13.62 16.50 6.83
N VAL A 141 12.55 16.91 7.51
CA VAL A 141 11.55 17.83 6.98
C VAL A 141 11.48 19.01 7.94
N ASN A 142 11.84 20.22 7.45
CA ASN A 142 11.85 21.46 8.24
C ASN A 142 12.65 21.28 9.55
N GLY A 143 13.77 20.58 9.45
CA GLY A 143 14.66 20.30 10.58
C GLY A 143 14.29 19.12 11.47
N GLN A 144 13.19 18.41 11.16
CA GLN A 144 12.78 17.26 11.96
C GLN A 144 13.18 15.95 11.27
N SER A 145 13.82 15.00 11.99
CA SER A 145 14.14 13.69 11.41
C SER A 145 12.80 12.95 11.29
N SER A 146 12.34 12.76 10.07
CA SER A 146 10.99 12.26 9.83
C SER A 146 10.88 10.88 9.25
N TYR A 147 11.85 10.45 8.42
CA TYR A 147 11.85 9.13 7.77
C TYR A 147 13.26 8.60 7.63
N THR A 148 13.41 7.27 7.59
CA THR A 148 14.72 6.64 7.38
C THR A 148 14.49 5.49 6.41
N PHE A 149 15.56 5.11 5.70
CA PHE A 149 15.51 4.03 4.74
C PHE A 149 16.88 3.43 4.66
N ASP A 150 17.00 2.14 5.05
CA ASP A 150 18.26 1.40 5.01
C ASP A 150 18.69 1.18 3.56
N HIS A 151 20.01 1.29 3.29
CA HIS A 151 20.58 1.11 1.95
C HIS A 151 20.34 -0.29 1.40
N ARG A 152 19.76 -0.39 0.19
CA ARG A 152 19.54 -1.67 -0.48
C ARG A 152 20.65 -1.76 -1.51
N ILE A 153 20.70 -0.73 -2.38
CA ILE A 153 21.77 -0.53 -3.35
C ILE A 153 22.73 0.48 -2.68
N LYS A 154 24.06 0.33 -2.86
CA LYS A 154 24.99 1.32 -2.29
C LYS A 154 24.72 2.73 -2.85
N PRO A 155 24.75 3.79 -2.01
CA PRO A 155 24.52 5.15 -2.54
C PRO A 155 25.56 5.55 -3.61
N GLU A 156 26.74 4.92 -3.59
CA GLU A 156 27.82 5.13 -4.57
C GLU A 156 27.41 4.70 -6.00
N ALA A 157 26.30 3.94 -6.13
CA ALA A 157 25.75 3.55 -7.44
C ALA A 157 24.90 4.67 -8.09
N VAL A 158 24.53 5.69 -7.31
CA VAL A 158 23.67 6.80 -7.81
C VAL A 158 24.44 7.65 -8.83
N LYS A 159 23.80 7.96 -9.96
CA LYS A 159 24.40 8.82 -10.97
C LYS A 159 23.50 10.00 -11.30
N MET A 160 22.24 9.96 -10.85
CA MET A 160 21.27 10.98 -11.20
C MET A 160 20.18 11.12 -10.13
N VAL A 161 19.69 12.35 -9.96
CA VAL A 161 18.58 12.63 -9.04
C VAL A 161 17.48 13.31 -9.82
N GLN A 162 16.25 12.82 -9.66
CA GLN A 162 15.09 13.43 -10.29
C GLN A 162 14.06 13.84 -9.21
N VAL A 163 13.55 15.10 -9.33
CA VAL A 163 12.53 15.66 -8.43
C VAL A 163 11.32 15.98 -9.29
N TRP A 164 10.16 15.39 -8.99
CA TRP A 164 9.03 15.63 -9.85
C TRP A 164 7.71 15.49 -9.11
N ARG A 165 6.60 15.55 -9.87
CA ARG A 165 5.20 15.55 -9.44
C ARG A 165 4.78 16.99 -9.00
N ASP A 166 3.78 17.15 -8.13
CA ASP A 166 3.03 18.37 -7.88
C ASP A 166 3.61 19.37 -6.89
N ILE A 167 4.80 19.88 -7.23
CA ILE A 167 5.47 20.91 -6.45
C ILE A 167 6.05 21.99 -7.34
N SER A 168 6.27 23.18 -6.76
CA SER A 168 7.07 24.23 -7.37
C SER A 168 8.40 24.07 -6.63
N LEU A 169 9.52 24.29 -7.30
CA LEU A 169 10.86 24.07 -6.74
C LEU A 169 11.65 25.39 -6.66
N THR A 170 12.12 25.76 -5.45
CA THR A 170 12.89 27.00 -5.26
C THR A 170 14.38 26.73 -5.06
N LYS A 171 14.74 25.53 -4.56
CA LYS A 171 16.13 25.14 -4.34
C LYS A 171 16.37 23.64 -4.45
N PHE A 172 17.45 23.26 -5.14
CA PHE A 172 17.91 21.90 -5.28
C PHE A 172 19.44 21.93 -5.14
N ASN A 173 20.00 21.14 -4.20
CA ASN A 173 21.45 21.10 -4.02
C ASN A 173 21.91 19.75 -3.52
N VAL A 174 23.02 19.24 -4.08
CA VAL A 174 23.70 18.03 -3.63
C VAL A 174 25.06 18.54 -3.14
N SER A 175 25.39 18.25 -1.88
CA SER A 175 26.68 18.69 -1.31
C SER A 175 27.81 17.75 -1.77
N TYR A 176 29.05 18.26 -1.90
CA TYR A 176 30.22 17.43 -2.22
C TYR A 176 31.39 17.70 -1.24
N LEU A 177 32.34 16.76 -1.17
CA LEU A 177 33.54 16.70 -0.32
C LEU A 177 33.18 16.58 1.16
N MET B 38 8.21 24.53 -21.84
CA MET B 38 8.01 23.44 -22.79
C MET B 38 6.52 23.10 -22.99
N SER B 39 5.74 22.91 -21.89
CA SER B 39 4.31 22.63 -22.02
C SER B 39 3.64 23.87 -22.65
N LEU B 40 2.94 23.72 -23.78
CA LEU B 40 2.30 24.87 -24.45
C LEU B 40 1.37 25.61 -23.47
N LEU B 41 0.50 24.87 -22.78
CA LEU B 41 -0.38 25.46 -21.76
C LEU B 41 0.21 25.13 -20.41
N PRO B 42 0.33 26.11 -19.49
CA PRO B 42 0.84 25.78 -18.14
C PRO B 42 -0.04 24.76 -17.39
N VAL B 43 0.59 23.86 -16.61
CA VAL B 43 -0.05 22.80 -15.82
C VAL B 43 0.41 23.01 -14.36
N PRO B 44 -0.48 23.06 -13.34
CA PRO B 44 -1.94 22.90 -13.37
C PRO B 44 -2.65 23.96 -14.20
N TYR B 45 -3.68 23.52 -14.90
CA TYR B 45 -4.54 24.28 -15.79
C TYR B 45 -5.96 24.35 -15.19
N THR B 46 -6.40 25.57 -14.88
CA THR B 46 -7.70 25.80 -14.25
C THR B 46 -8.50 26.78 -15.07
N GLU B 47 -9.73 26.38 -15.43
CA GLU B 47 -10.60 27.19 -16.27
C GLU B 47 -12.05 27.19 -15.75
N ALA B 48 -12.70 28.36 -15.76
CA ALA B 48 -14.11 28.52 -15.41
C ALA B 48 -14.88 27.83 -16.54
N ALA B 49 -15.89 27.03 -16.17
CA ALA B 49 -16.65 26.28 -17.17
C ALA B 49 -18.06 26.00 -16.73
N SER B 50 -18.98 25.79 -17.68
CA SER B 50 -20.36 25.38 -17.40
C SER B 50 -20.66 24.24 -18.36
N LEU B 51 -21.42 23.24 -17.87
CA LEU B 51 -21.74 22.02 -18.59
C LEU B 51 -23.21 21.68 -18.52
N SER B 52 -23.71 21.06 -19.58
CA SER B 52 -25.07 20.51 -19.65
C SER B 52 -25.03 19.43 -20.72
N THR B 53 -26.15 18.76 -20.97
CA THR B 53 -26.21 17.71 -22.02
C THR B 53 -25.73 18.27 -23.35
N GLY B 54 -24.81 17.56 -23.98
CA GLY B 54 -24.25 17.97 -25.26
C GLY B 54 -22.91 18.66 -25.16
N SER B 55 -22.49 19.09 -23.93
CA SER B 55 -21.18 19.71 -23.73
C SER B 55 -20.07 18.66 -23.91
N THR B 56 -18.93 19.12 -24.43
CA THR B 56 -17.75 18.27 -24.60
C THR B 56 -16.50 18.99 -24.08
N VAL B 57 -15.70 18.32 -23.27
CA VAL B 57 -14.43 18.83 -22.74
C VAL B 57 -13.30 18.08 -23.50
N THR B 58 -12.54 18.82 -24.32
CA THR B 58 -11.44 18.27 -25.13
C THR B 58 -10.11 18.65 -24.49
N ILE B 59 -9.25 17.65 -24.30
CA ILE B 59 -7.93 17.80 -23.68
C ILE B 59 -6.89 17.09 -24.53
N LYS B 60 -5.91 17.84 -25.03
CA LYS B 60 -4.79 17.24 -25.78
C LYS B 60 -3.54 17.42 -24.97
N GLY B 61 -2.83 16.32 -24.71
CA GLY B 61 -1.63 16.38 -23.90
C GLY B 61 -0.70 15.20 -24.06
N ARG B 62 0.36 15.18 -23.28
CA ARG B 62 1.34 14.10 -23.34
C ARG B 62 1.88 13.85 -21.92
N PRO B 63 2.05 12.59 -21.48
CA PRO B 63 2.65 12.38 -20.14
C PRO B 63 4.10 12.89 -20.12
N LEU B 64 4.52 13.38 -18.96
CA LEU B 64 5.87 13.95 -18.77
C LEU B 64 6.95 12.87 -18.55
N ALA B 65 6.55 11.61 -18.30
CA ALA B 65 7.48 10.50 -18.06
C ALA B 65 7.03 9.23 -18.77
N CYS B 66 7.97 8.27 -18.91
CA CYS B 66 7.69 6.95 -19.49
C CYS B 66 6.71 6.22 -18.54
N PHE B 67 5.92 5.29 -19.08
CA PHE B 67 4.93 4.54 -18.29
C PHE B 67 5.57 3.77 -17.14
N LEU B 68 6.84 3.35 -17.27
CA LEU B 68 7.55 2.62 -16.20
C LEU B 68 7.59 3.48 -14.91
N ASN B 69 7.71 4.81 -15.07
CA ASN B 69 7.77 5.77 -13.96
C ASN B 69 6.41 6.15 -13.40
N GLU B 70 5.32 5.59 -13.96
CA GLU B 70 3.94 5.83 -13.52
C GLU B 70 3.57 7.30 -13.36
N PRO B 71 3.62 8.10 -14.45
CA PRO B 71 3.14 9.49 -14.34
C PRO B 71 1.61 9.45 -14.20
N TYR B 72 1.01 10.49 -13.59
CA TYR B 72 -0.44 10.55 -13.47
C TYR B 72 -0.99 11.68 -14.33
N LEU B 73 -2.29 11.61 -14.58
CA LEU B 73 -3.09 12.67 -15.19
C LEU B 73 -4.35 12.79 -14.32
N GLN B 74 -4.72 14.01 -13.94
CA GLN B 74 -5.96 14.19 -13.20
C GLN B 74 -6.81 15.28 -13.82
N VAL B 75 -8.11 14.98 -14.01
CA VAL B 75 -9.11 15.91 -14.52
C VAL B 75 -10.25 15.95 -13.50
N ASP B 76 -10.49 17.15 -12.89
CA ASP B 76 -11.52 17.36 -11.90
C ASP B 76 -12.53 18.42 -12.34
N PHE B 77 -13.82 18.07 -12.32
CA PHE B 77 -14.92 19.00 -12.60
C PHE B 77 -15.40 19.44 -11.22
N HIS B 78 -15.13 20.70 -10.86
CA HIS B 78 -15.42 21.28 -9.57
C HIS B 78 -16.75 22.05 -9.51
N THR B 79 -17.35 22.10 -8.29
CA THR B 79 -18.61 22.85 -8.09
C THR B 79 -18.38 24.36 -7.96
N GLU B 80 -17.16 24.78 -7.65
CA GLU B 80 -16.82 26.20 -7.43
C GLU B 80 -15.41 26.46 -7.97
N MET B 81 -15.07 27.76 -8.10
CA MET B 81 -13.75 28.17 -8.58
C MET B 81 -12.60 27.76 -7.65
N LYS B 82 -12.85 27.66 -6.33
CA LYS B 82 -11.80 27.26 -5.38
C LYS B 82 -11.45 25.77 -5.49
N GLU B 83 -10.14 25.45 -5.41
CA GLU B 83 -9.60 24.08 -5.56
C GLU B 83 -10.12 23.10 -4.48
N GLU B 84 -10.42 23.62 -3.28
CA GLU B 84 -10.92 22.78 -2.19
C GLU B 84 -12.42 22.45 -2.35
N SER B 85 -13.09 23.00 -3.39
CA SER B 85 -14.53 22.75 -3.59
C SER B 85 -14.78 21.31 -3.95
N ASP B 86 -16.03 20.90 -3.80
CA ASP B 86 -16.48 19.57 -4.17
C ASP B 86 -16.18 19.26 -5.64
N ILE B 87 -15.99 17.98 -5.93
CA ILE B 87 -15.68 17.52 -7.25
C ILE B 87 -16.83 16.65 -7.74
N VAL B 88 -17.51 17.10 -8.79
CA VAL B 88 -18.63 16.41 -9.44
C VAL B 88 -18.08 15.17 -10.17
N PHE B 89 -16.92 15.32 -10.82
CA PHE B 89 -16.30 14.24 -11.59
C PHE B 89 -14.79 14.33 -11.48
N HIS B 90 -14.20 13.27 -10.93
CA HIS B 90 -12.75 13.13 -10.76
C HIS B 90 -12.33 11.97 -11.67
N PHE B 91 -11.38 12.23 -12.57
CA PHE B 91 -10.88 11.25 -13.52
C PHE B 91 -9.34 11.22 -13.34
N GLN B 92 -8.82 10.10 -12.81
CA GLN B 92 -7.39 9.98 -12.54
CA GLN B 92 -7.39 9.98 -12.56
C GLN B 92 -6.77 8.79 -13.26
N VAL B 93 -5.80 9.07 -14.13
CA VAL B 93 -5.08 8.04 -14.87
C VAL B 93 -3.72 7.80 -14.23
N CYS B 94 -3.40 6.53 -13.87
N CYS B 94 -3.41 6.53 -13.96
CA CYS B 94 -2.04 6.15 -13.48
CA CYS B 94 -2.12 6.06 -13.51
C CYS B 94 -1.57 5.42 -14.76
C CYS B 94 -1.61 5.39 -14.81
N PHE B 95 -0.94 6.19 -15.68
CA PHE B 95 -0.49 5.72 -17.00
C PHE B 95 0.25 4.37 -16.96
N GLY B 96 -0.25 3.42 -17.75
CA GLY B 96 0.25 2.04 -17.85
C GLY B 96 -0.31 1.12 -16.77
N ARG B 97 -1.12 1.64 -15.82
CA ARG B 97 -1.63 0.80 -14.74
C ARG B 97 -3.17 0.74 -14.64
N ARG B 98 -3.83 1.87 -14.38
CA ARG B 98 -5.29 1.89 -14.22
C ARG B 98 -5.86 3.30 -14.30
N VAL B 99 -7.20 3.37 -14.27
CA VAL B 99 -7.94 4.61 -14.22
C VAL B 99 -8.88 4.53 -13.03
N VAL B 100 -8.94 5.62 -12.24
CA VAL B 100 -9.78 5.77 -11.05
CA VAL B 100 -9.86 5.72 -11.11
C VAL B 100 -10.76 6.92 -11.30
N MET B 101 -12.05 6.71 -11.03
CA MET B 101 -13.05 7.77 -11.15
C MET B 101 -13.79 7.84 -9.83
N ASN B 102 -14.20 9.06 -9.45
CA ASN B 102 -14.89 9.29 -8.18
C ASN B 102 -15.48 10.69 -8.18
N SER B 103 -16.06 11.05 -7.05
CA SER B 103 -16.59 12.37 -6.74
C SER B 103 -16.17 12.71 -5.32
N ARG B 104 -16.11 14.01 -5.02
CA ARG B 104 -15.79 14.45 -3.67
C ARG B 104 -16.96 15.33 -3.27
N GLU B 105 -17.76 14.87 -2.27
CA GLU B 105 -19.01 15.52 -1.86
C GLU B 105 -18.98 15.78 -0.38
N TYR B 106 -19.31 17.02 0.00
CA TYR B 106 -19.21 17.47 1.40
C TYR B 106 -17.77 17.21 1.92
N GLY B 107 -16.77 17.47 1.06
CA GLY B 107 -15.36 17.33 1.38
C GLY B 107 -14.80 15.91 1.45
N ALA B 108 -15.63 14.89 1.20
CA ALA B 108 -15.20 13.48 1.28
C ALA B 108 -15.30 12.73 -0.04
N TRP B 109 -14.27 11.92 -0.34
CA TRP B 109 -14.22 11.03 -1.50
C TRP B 109 -15.30 9.97 -1.35
N LYS B 110 -16.07 9.74 -2.42
CA LYS B 110 -17.19 8.81 -2.34
C LYS B 110 -16.78 7.44 -2.86
N GLN B 111 -17.70 6.70 -3.53
CA GLN B 111 -17.38 5.36 -4.04
C GLN B 111 -16.45 5.40 -5.23
N GLN B 112 -15.26 4.80 -5.07
CA GLN B 112 -14.27 4.75 -6.14
C GLN B 112 -14.68 3.73 -7.19
N VAL B 113 -14.50 4.09 -8.47
CA VAL B 113 -14.72 3.25 -9.64
C VAL B 113 -13.31 3.05 -10.26
N GLU B 114 -12.93 1.80 -10.52
CA GLU B 114 -11.64 1.48 -11.12
C GLU B 114 -11.81 0.75 -12.47
N SER B 115 -10.94 1.05 -13.43
CA SER B 115 -10.88 0.41 -14.75
C SER B 115 -9.42 0.11 -15.10
N LYS B 116 -9.15 -1.09 -15.64
CA LYS B 116 -7.82 -1.44 -16.08
C LYS B 116 -7.69 -1.21 -17.59
N ASN B 117 -8.75 -0.60 -18.22
CA ASN B 117 -8.70 -0.26 -19.64
C ASN B 117 -7.62 0.83 -19.78
N MET B 118 -6.67 0.61 -20.70
CA MET B 118 -5.52 1.51 -20.88
C MET B 118 -5.26 1.80 -22.38
N PRO B 119 -6.10 2.65 -23.02
CA PRO B 119 -5.84 2.97 -24.45
C PRO B 119 -4.65 3.93 -24.63
N PHE B 120 -4.24 4.65 -23.55
CA PHE B 120 -3.10 5.58 -23.61
C PHE B 120 -1.82 4.79 -23.93
N GLN B 121 -1.02 5.29 -24.89
CA GLN B 121 0.20 4.64 -25.35
C GLN B 121 1.43 5.31 -24.78
N ASP B 122 2.42 4.50 -24.36
CA ASP B 122 3.65 4.96 -23.73
C ASP B 122 4.38 5.97 -24.61
N GLY B 123 4.66 7.15 -24.03
CA GLY B 123 5.39 8.23 -24.67
C GLY B 123 4.66 8.98 -25.77
N GLN B 124 3.34 8.75 -25.92
CA GLN B 124 2.59 9.38 -27.00
C GLN B 124 1.70 10.49 -26.52
N GLU B 125 1.40 11.40 -27.45
CA GLU B 125 0.44 12.46 -27.23
C GLU B 125 -0.95 11.76 -27.26
N PHE B 126 -1.90 12.24 -26.44
CA PHE B 126 -3.25 11.66 -26.41
C PHE B 126 -4.27 12.76 -26.61
N GLU B 127 -5.48 12.36 -26.99
CA GLU B 127 -6.61 13.25 -27.10
C GLU B 127 -7.73 12.68 -26.24
N LEU B 128 -8.12 13.43 -25.21
CA LEU B 128 -9.16 13.05 -24.27
C LEU B 128 -10.42 13.90 -24.56
N SER B 129 -11.57 13.24 -24.73
CA SER B 129 -12.85 13.89 -25.01
C SER B 129 -13.92 13.39 -24.01
N ILE B 130 -14.39 14.29 -23.14
CA ILE B 130 -15.40 13.98 -22.11
C ILE B 130 -16.71 14.62 -22.50
N SER B 131 -17.70 13.79 -22.87
CA SER B 131 -19.04 14.23 -23.31
C SER B 131 -20.05 14.11 -22.19
N VAL B 132 -20.95 15.08 -22.10
CA VAL B 132 -22.01 15.12 -21.08
C VAL B 132 -23.29 14.61 -21.70
N LEU B 133 -23.76 13.49 -21.16
CA LEU B 133 -25.01 12.89 -21.60
C LEU B 133 -26.04 13.09 -20.47
N PRO B 134 -27.37 12.89 -20.68
CA PRO B 134 -28.33 13.16 -19.57
C PRO B 134 -28.09 12.34 -18.30
N ASP B 135 -27.55 11.13 -18.43
CA ASP B 135 -27.37 10.19 -17.32
C ASP B 135 -25.92 9.95 -16.89
N LYS B 136 -24.96 10.28 -17.77
CA LYS B 136 -23.54 9.99 -17.52
C LYS B 136 -22.56 10.92 -18.28
N TYR B 137 -21.27 10.74 -18.01
CA TYR B 137 -20.19 11.26 -18.81
C TYR B 137 -19.71 10.08 -19.65
N GLN B 138 -19.38 10.35 -20.90
CA GLN B 138 -18.72 9.37 -21.75
C GLN B 138 -17.31 9.92 -21.96
N VAL B 139 -16.29 9.09 -21.73
CA VAL B 139 -14.88 9.45 -21.87
C VAL B 139 -14.28 8.72 -23.07
N MET B 140 -13.89 9.48 -24.10
CA MET B 140 -13.21 8.94 -25.29
C MET B 140 -11.70 9.26 -25.23
N VAL B 141 -10.88 8.25 -25.58
CA VAL B 141 -9.45 8.39 -25.66
C VAL B 141 -9.01 8.05 -27.10
N ASN B 142 -8.44 9.04 -27.79
CA ASN B 142 -7.99 8.92 -29.20
C ASN B 142 -9.16 8.46 -30.11
N GLY B 143 -10.35 8.98 -29.82
CA GLY B 143 -11.58 8.71 -30.56
C GLY B 143 -12.28 7.39 -30.28
N GLN B 144 -11.86 6.66 -29.22
CA GLN B 144 -12.48 5.38 -28.86
C GLN B 144 -13.18 5.52 -27.53
N SER B 145 -14.42 4.96 -27.38
CA SER B 145 -15.19 4.94 -26.14
C SER B 145 -14.37 4.14 -25.17
N SER B 146 -14.06 4.71 -24.02
CA SER B 146 -13.12 4.11 -23.10
C SER B 146 -13.60 3.95 -21.66
N TYR B 147 -14.32 4.96 -21.13
CA TYR B 147 -14.84 4.95 -19.75
C TYR B 147 -16.18 5.65 -19.71
N THR B 148 -17.01 5.31 -18.72
CA THR B 148 -18.30 5.99 -18.46
C THR B 148 -18.43 6.18 -16.95
N PHE B 149 -19.22 7.17 -16.55
CA PHE B 149 -19.45 7.49 -15.15
C PHE B 149 -20.81 8.14 -15.04
N ASP B 150 -21.73 7.48 -14.33
CA ASP B 150 -23.09 8.00 -14.09
C ASP B 150 -23.04 9.26 -13.20
N HIS B 151 -23.90 10.26 -13.49
CA HIS B 151 -23.95 11.52 -12.73
C HIS B 151 -24.33 11.28 -11.28
N ARG B 152 -23.53 11.81 -10.34
CA ARG B 152 -23.83 11.74 -8.91
C ARG B 152 -24.42 13.10 -8.57
N ILE B 153 -23.61 14.14 -8.82
CA ILE B 153 -24.03 15.55 -8.72
C ILE B 153 -24.42 15.97 -10.17
N LYS B 154 -25.44 16.82 -10.34
CA LYS B 154 -25.83 17.28 -11.68
C LYS B 154 -24.65 18.01 -12.37
N PRO B 155 -24.39 17.76 -13.68
CA PRO B 155 -23.29 18.49 -14.37
C PRO B 155 -23.49 20.00 -14.38
N GLU B 156 -24.75 20.46 -14.23
CA GLU B 156 -25.12 21.89 -14.15
C GLU B 156 -24.55 22.57 -12.90
N ALA B 157 -24.07 21.77 -11.92
CA ALA B 157 -23.42 22.29 -10.70
C ALA B 157 -21.95 22.61 -10.96
N VAL B 158 -21.35 22.14 -12.07
CA VAL B 158 -19.92 22.39 -12.39
C VAL B 158 -19.69 23.87 -12.72
N LYS B 159 -18.66 24.46 -12.12
CA LYS B 159 -18.30 25.86 -12.37
C LYS B 159 -16.85 25.98 -12.80
N MET B 160 -16.07 24.89 -12.65
CA MET B 160 -14.64 24.95 -12.93
C MET B 160 -14.09 23.58 -13.29
N VAL B 161 -13.07 23.57 -14.17
CA VAL B 161 -12.40 22.35 -14.58
C VAL B 161 -10.92 22.56 -14.31
N GLN B 162 -10.32 21.58 -13.66
CA GLN B 162 -8.89 21.60 -13.41
C GLN B 162 -8.23 20.36 -14.04
N VAL B 163 -7.12 20.58 -14.79
CA VAL B 163 -6.31 19.54 -15.44
C VAL B 163 -4.92 19.62 -14.84
N TRP B 164 -4.46 18.53 -14.20
CA TRP B 164 -3.18 18.62 -13.53
C TRP B 164 -2.48 17.29 -13.44
N ARG B 165 -1.33 17.30 -12.73
CA ARG B 165 -0.39 16.19 -12.52
C ARG B 165 0.61 16.10 -13.69
N ASP B 166 1.16 14.91 -13.98
CA ASP B 166 2.34 14.73 -14.83
C ASP B 166 2.11 14.68 -16.33
N ILE B 167 1.60 15.80 -16.87
CA ILE B 167 1.37 15.96 -18.30
C ILE B 167 1.83 17.34 -18.79
N SER B 168 2.12 17.43 -20.09
CA SER B 168 2.30 18.71 -20.77
C SER B 168 0.94 18.85 -21.49
N LEU B 169 0.50 20.07 -21.74
CA LEU B 169 -0.81 20.29 -22.33
C LEU B 169 -0.72 21.21 -23.54
N THR B 170 -1.32 20.79 -24.67
CA THR B 170 -1.32 21.61 -25.88
C THR B 170 -2.71 22.16 -26.16
N LYS B 171 -3.77 21.48 -25.68
CA LYS B 171 -5.12 21.96 -25.95
C LYS B 171 -6.12 21.66 -24.86
N PHE B 172 -6.96 22.66 -24.57
CA PHE B 172 -8.08 22.58 -23.65
C PHE B 172 -9.27 23.34 -24.23
N ASN B 173 -10.41 22.68 -24.32
CA ASN B 173 -11.60 23.33 -24.84
C ASN B 173 -12.88 22.76 -24.24
N VAL B 174 -13.81 23.63 -23.89
CA VAL B 174 -15.15 23.26 -23.43
C VAL B 174 -16.06 23.85 -24.51
N SER B 175 -16.90 23.01 -25.14
CA SER B 175 -17.83 23.48 -26.16
C SER B 175 -19.04 24.20 -25.52
N TYR B 176 -19.59 25.23 -26.24
CA TYR B 176 -20.78 25.98 -25.83
C TYR B 176 -21.62 26.25 -27.05
N GLN C 1 -43.30 32.07 -3.14
CA GLN C 1 -42.64 31.48 -4.31
C GLN C 1 -42.30 29.99 -4.14
N VAL C 2 -41.76 29.52 -3.01
CA VAL C 2 -41.54 28.07 -2.88
C VAL C 2 -42.65 27.51 -1.99
N GLN C 3 -43.24 26.38 -2.37
CA GLN C 3 -44.29 25.77 -1.56
C GLN C 3 -44.04 24.26 -1.48
N LEU C 4 -44.11 23.72 -0.27
CA LEU C 4 -43.91 22.30 0.05
C LEU C 4 -45.11 21.94 0.93
N VAL C 5 -46.04 21.15 0.39
CA VAL C 5 -47.29 20.80 1.08
C VAL C 5 -47.25 19.31 1.48
N GLU C 6 -46.98 19.05 2.79
CA GLU C 6 -46.96 17.69 3.35
C GLU C 6 -48.38 17.24 3.67
N SER C 7 -48.61 15.94 3.53
CA SER C 7 -49.89 15.29 3.87
C SER C 7 -49.61 13.84 4.23
N GLY C 8 -50.60 13.18 4.82
CA GLY C 8 -50.50 11.77 5.17
C GLY C 8 -50.31 11.44 6.64
N GLY C 9 -50.08 12.45 7.47
CA GLY C 9 -49.91 12.26 8.91
C GLY C 9 -51.20 11.81 9.59
N GLY C 10 -51.05 11.13 10.72
CA GLY C 10 -52.18 10.65 11.51
C GLY C 10 -51.83 9.96 12.81
N LEU C 11 -52.84 9.38 13.43
CA LEU C 11 -52.73 8.62 14.66
C LEU C 11 -52.64 7.14 14.32
N VAL C 12 -51.52 6.51 14.68
CA VAL C 12 -51.26 5.08 14.43
C VAL C 12 -50.79 4.41 15.72
N GLN C 13 -51.01 3.10 15.84
CA GLN C 13 -50.56 2.33 16.99
C GLN C 13 -49.11 1.87 16.76
N PRO C 14 -48.30 1.62 17.84
CA PRO C 14 -46.94 1.08 17.63
C PRO C 14 -46.97 -0.22 16.81
N GLY C 15 -46.02 -0.34 15.89
CA GLY C 15 -45.93 -1.46 14.98
C GLY C 15 -46.62 -1.16 13.66
N GLY C 16 -47.42 -0.09 13.65
CA GLY C 16 -48.17 0.35 12.46
C GLY C 16 -47.36 1.03 11.36
N SER C 17 -48.06 1.42 10.28
CA SER C 17 -47.48 2.04 9.08
C SER C 17 -48.22 3.32 8.69
N LEU C 18 -47.50 4.23 8.01
CA LEU C 18 -48.00 5.49 7.49
C LEU C 18 -47.19 5.90 6.25
N ARG C 19 -47.85 6.51 5.25
CA ARG C 19 -47.18 7.03 4.05
C ARG C 19 -47.37 8.54 3.98
N LEU C 20 -46.26 9.27 4.05
CA LEU C 20 -46.27 10.74 3.96
C LEU C 20 -45.98 11.14 2.52
N SER C 21 -46.60 12.24 2.09
CA SER C 21 -46.43 12.83 0.76
C SER C 21 -46.12 14.30 0.92
N CYS C 22 -45.34 14.85 -0.01
CA CYS C 22 -45.00 16.25 -0.05
C CYS C 22 -45.12 16.73 -1.50
N ALA C 23 -46.07 17.62 -1.77
CA ALA C 23 -46.27 18.21 -3.10
C ALA C 23 -45.44 19.50 -3.18
N ALA C 24 -44.47 19.53 -4.08
CA ALA C 24 -43.56 20.67 -4.26
C ALA C 24 -43.93 21.54 -5.46
N SER C 25 -43.73 22.86 -5.34
CA SER C 25 -43.95 23.81 -6.43
C SER C 25 -43.09 25.05 -6.24
N GLY C 26 -42.94 25.84 -7.31
CA GLY C 26 -42.20 27.09 -7.26
C GLY C 26 -40.71 26.97 -7.52
N PHE C 27 -40.26 25.79 -7.95
CA PHE C 27 -38.85 25.52 -8.28
C PHE C 27 -38.79 24.27 -9.16
N THR C 28 -37.63 24.01 -9.80
CA THR C 28 -37.48 22.82 -10.65
C THR C 28 -37.17 21.71 -9.70
N PHE C 29 -38.21 20.91 -9.36
CA PHE C 29 -38.14 19.80 -8.41
C PHE C 29 -36.96 18.85 -8.62
N ASP C 30 -36.78 18.35 -9.86
CA ASP C 30 -35.71 17.38 -10.16
C ASP C 30 -34.29 17.99 -10.21
N ASP C 31 -34.15 19.29 -9.90
CA ASP C 31 -32.82 19.91 -9.81
C ASP C 31 -32.27 19.78 -8.36
N TYR C 32 -33.13 19.37 -7.41
CA TYR C 32 -32.76 19.37 -6.01
C TYR C 32 -32.97 18.10 -5.26
N ALA C 33 -32.03 17.81 -4.35
CA ALA C 33 -32.18 16.74 -3.36
C ALA C 33 -33.31 17.23 -2.41
N MET C 34 -34.06 16.29 -1.85
CA MET C 34 -35.18 16.58 -0.96
C MET C 34 -35.04 15.77 0.31
N SER C 35 -35.61 16.28 1.43
CA SER C 35 -35.46 15.59 2.71
C SER C 35 -36.71 15.62 3.60
N TRP C 36 -36.66 14.80 4.67
CA TRP C 36 -37.62 14.77 5.78
C TRP C 36 -36.82 15.06 7.04
N VAL C 37 -37.34 16.00 7.84
CA VAL C 37 -36.76 16.43 9.10
C VAL C 37 -37.98 16.46 10.05
N ARG C 38 -37.84 15.91 11.27
CA ARG C 38 -38.96 15.86 12.19
C ARG C 38 -38.71 16.65 13.47
N GLN C 39 -39.79 17.02 14.15
CA GLN C 39 -39.75 17.79 15.37
C GLN C 39 -40.79 17.22 16.34
N ALA C 40 -40.31 16.56 17.40
CA ALA C 40 -41.17 15.96 18.41
C ALA C 40 -41.80 17.06 19.29
N PRO C 41 -43.03 16.86 19.84
CA PRO C 41 -43.67 17.92 20.67
C PRO C 41 -42.75 18.50 21.74
N GLY C 42 -42.58 19.83 21.69
CA GLY C 42 -41.73 20.60 22.60
C GLY C 42 -40.25 20.27 22.52
N LYS C 43 -39.83 19.60 21.42
CA LYS C 43 -38.44 19.16 21.20
C LYS C 43 -37.80 19.85 20.00
N GLY C 44 -36.51 19.52 19.76
CA GLY C 44 -35.73 20.09 18.68
C GLY C 44 -35.95 19.43 17.35
N LEU C 45 -35.03 19.69 16.40
CA LEU C 45 -35.09 19.13 15.05
C LEU C 45 -34.24 17.88 14.95
N GLU C 46 -34.71 16.91 14.18
CA GLU C 46 -34.01 15.66 13.98
C GLU C 46 -34.11 15.24 12.51
N TRP C 47 -32.96 15.10 11.86
CA TRP C 47 -32.88 14.63 10.47
C TRP C 47 -33.40 13.18 10.35
N VAL C 48 -34.22 12.92 9.33
CA VAL C 48 -34.79 11.59 9.10
C VAL C 48 -34.13 10.96 7.89
N SER C 49 -34.25 11.61 6.72
CA SER C 49 -33.77 11.03 5.48
C SER C 49 -33.59 12.10 4.39
N GLY C 50 -32.72 11.80 3.42
CA GLY C 50 -32.45 12.60 2.24
C GLY C 50 -32.44 11.74 0.99
N ILE C 51 -32.86 12.31 -0.15
CA ILE C 51 -32.86 11.62 -1.44
C ILE C 51 -32.26 12.53 -2.50
N SER C 52 -31.39 12.01 -3.38
CA SER C 52 -30.76 12.83 -4.42
C SER C 52 -31.79 13.37 -5.43
N TRP C 53 -31.40 14.39 -6.17
CA TRP C 53 -32.20 15.04 -7.22
C TRP C 53 -32.87 14.04 -8.21
N ASN C 54 -32.15 12.97 -8.62
CA ASN C 54 -32.68 11.95 -9.55
C ASN C 54 -33.22 10.70 -8.83
N GLY C 55 -33.16 10.70 -7.50
CA GLY C 55 -33.62 9.57 -6.70
C GLY C 55 -32.72 8.35 -6.71
N GLY C 56 -31.52 8.49 -7.28
CA GLY C 56 -30.55 7.40 -7.37
C GLY C 56 -29.84 7.08 -6.07
N SER C 57 -29.78 8.05 -5.14
CA SER C 57 -29.13 7.86 -3.84
C SER C 57 -30.05 8.29 -2.68
N THR C 58 -30.14 7.44 -1.64
CA THR C 58 -30.96 7.71 -0.45
C THR C 58 -30.07 7.60 0.79
N TYR C 59 -30.38 8.41 1.82
CA TYR C 59 -29.61 8.46 3.07
C TYR C 59 -30.57 8.50 4.22
N TYR C 60 -30.20 7.85 5.34
CA TYR C 60 -31.09 7.78 6.50
C TYR C 60 -30.34 7.94 7.79
N ALA C 61 -31.04 8.45 8.81
CA ALA C 61 -30.53 8.45 10.18
C ALA C 61 -30.52 6.97 10.63
N GLU C 62 -29.52 6.54 11.43
CA GLU C 62 -29.38 5.15 11.87
C GLU C 62 -30.66 4.51 12.47
N SER C 63 -31.39 5.25 13.33
CA SER C 63 -32.60 4.70 13.98
C SER C 63 -33.80 4.57 13.05
N MET C 64 -33.69 5.07 11.82
CA MET C 64 -34.81 5.03 10.88
C MET C 64 -34.54 4.12 9.67
N LYS C 65 -33.28 3.65 9.52
CA LYS C 65 -32.85 2.71 8.47
C LYS C 65 -33.67 1.40 8.54
N GLY C 66 -34.09 0.91 7.36
CA GLY C 66 -34.89 -0.31 7.25
C GLY C 66 -36.39 -0.10 7.43
N ARG C 67 -36.77 0.63 8.49
CA ARG C 67 -38.16 0.95 8.83
C ARG C 67 -38.75 2.00 7.86
N PHE C 68 -37.95 3.03 7.51
CA PHE C 68 -38.41 4.12 6.64
C PHE C 68 -37.80 4.06 5.27
N THR C 69 -38.60 4.44 4.25
CA THR C 69 -38.12 4.47 2.86
C THR C 69 -38.54 5.79 2.24
N ILE C 70 -37.55 6.53 1.78
CA ILE C 70 -37.76 7.80 1.10
C ILE C 70 -37.78 7.51 -0.39
N SER C 71 -38.66 8.18 -1.13
CA SER C 71 -38.75 8.03 -2.58
C SER C 71 -39.30 9.31 -3.15
N ARG C 72 -39.22 9.46 -4.47
CA ARG C 72 -39.74 10.65 -5.11
C ARG C 72 -40.29 10.30 -6.48
N ASP C 73 -41.24 11.11 -6.94
CA ASP C 73 -41.78 10.96 -8.28
C ASP C 73 -41.53 12.30 -8.96
N ASN C 74 -40.51 12.34 -9.83
CA ASN C 74 -40.12 13.56 -10.52
C ASN C 74 -41.12 14.02 -11.60
N ALA C 75 -41.95 13.11 -12.13
CA ALA C 75 -42.97 13.49 -13.11
C ALA C 75 -44.17 14.16 -12.42
N LYS C 76 -44.34 13.92 -11.10
CA LYS C 76 -45.45 14.44 -10.29
C LYS C 76 -45.00 15.46 -9.26
N ASN C 77 -43.68 15.83 -9.20
CA ASN C 77 -43.14 16.79 -8.22
C ASN C 77 -43.54 16.45 -6.79
N THR C 78 -43.45 15.16 -6.44
CA THR C 78 -43.86 14.66 -5.13
C THR C 78 -42.76 13.84 -4.46
N LEU C 79 -42.58 14.07 -3.18
CA LEU C 79 -41.65 13.37 -2.31
C LEU C 79 -42.51 12.48 -1.38
N TYR C 80 -42.04 11.27 -1.09
CA TYR C 80 -42.74 10.35 -0.20
C TYR C 80 -41.87 9.86 0.95
N LEU C 81 -42.54 9.46 2.05
CA LEU C 81 -41.90 8.78 3.17
C LEU C 81 -42.79 7.62 3.59
N GLN C 82 -42.34 6.40 3.30
CA GLN C 82 -43.05 5.18 3.70
C GLN C 82 -42.46 4.82 5.07
N MET C 83 -43.31 4.88 6.10
CA MET C 83 -42.91 4.62 7.48
C MET C 83 -43.54 3.32 7.98
N ASN C 84 -42.71 2.29 8.22
CA ASN C 84 -43.21 1.00 8.72
C ASN C 84 -42.65 0.77 10.10
N SER C 85 -43.20 -0.23 10.84
CA SER C 85 -42.77 -0.63 12.19
C SER C 85 -42.58 0.61 13.09
N LEU C 86 -43.60 1.48 13.11
CA LEU C 86 -43.55 2.72 13.85
C LEU C 86 -43.48 2.50 15.35
N LYS C 87 -42.73 3.35 16.04
CA LYS C 87 -42.54 3.31 17.50
C LYS C 87 -43.02 4.64 18.07
N SER C 88 -43.34 4.66 19.38
N SER C 88 -43.38 4.68 19.38
CA SER C 88 -43.79 5.86 20.09
CA SER C 88 -43.84 5.91 20.01
C SER C 88 -42.81 7.02 19.90
C SER C 88 -42.81 7.05 19.90
N GLU C 89 -41.50 6.71 19.85
CA GLU C 89 -40.39 7.67 19.69
C GLU C 89 -40.44 8.39 18.31
N ASP C 90 -41.26 7.88 17.37
CA ASP C 90 -41.45 8.45 16.05
C ASP C 90 -42.50 9.56 16.01
N THR C 91 -43.20 9.80 17.15
N THR C 91 -43.22 9.79 17.13
CA THR C 91 -44.20 10.87 17.26
CA THR C 91 -44.23 10.83 17.25
C THR C 91 -43.52 12.20 17.04
C THR C 91 -43.54 12.19 17.05
N ALA C 92 -44.01 12.96 16.05
CA ALA C 92 -43.44 14.26 15.68
C ALA C 92 -44.23 14.90 14.56
N VAL C 93 -43.90 16.18 14.29
CA VAL C 93 -44.35 16.91 13.11
C VAL C 93 -43.24 16.55 12.10
N TYR C 94 -43.62 16.10 10.90
CA TYR C 94 -42.66 15.77 9.86
C TYR C 94 -42.67 16.83 8.79
N TYR C 95 -41.53 17.49 8.60
CA TYR C 95 -41.34 18.53 7.59
C TYR C 95 -40.65 17.97 6.34
N CYS C 96 -41.13 18.40 5.19
CA CYS C 96 -40.55 18.20 3.86
C CYS C 96 -39.57 19.41 3.72
N ALA C 97 -38.30 19.15 3.30
CA ALA C 97 -37.33 20.24 3.17
C ALA C 97 -36.48 20.16 1.92
N LYS C 98 -36.33 21.31 1.25
CA LYS C 98 -35.58 21.42 0.00
C LYS C 98 -34.11 21.71 0.29
N ASP C 99 -33.20 21.09 -0.49
CA ASP C 99 -31.77 21.38 -0.41
C ASP C 99 -31.49 22.77 -0.98
N ARG C 100 -30.63 23.53 -0.30
CA ARG C 100 -30.17 24.81 -0.80
C ARG C 100 -29.24 24.59 -2.03
N ASN C 101 -28.46 23.51 -2.03
CA ASN C 101 -27.53 23.19 -3.11
C ASN C 101 -28.27 22.67 -4.34
N LEU C 102 -27.81 23.09 -5.53
CA LEU C 102 -28.35 22.59 -6.80
C LEU C 102 -27.66 21.25 -7.12
N GLY C 103 -28.47 20.23 -7.42
CA GLY C 103 -28.07 18.91 -7.90
C GLY C 103 -27.17 18.08 -7.02
N TYR C 104 -27.37 18.14 -5.70
CA TYR C 104 -26.62 17.39 -4.71
C TYR C 104 -27.34 16.09 -4.33
N ARG C 105 -26.70 15.25 -3.48
CA ARG C 105 -27.27 13.95 -3.14
C ARG C 105 -27.89 13.82 -1.73
N LEU C 106 -27.25 14.38 -0.69
CA LEU C 106 -27.72 14.22 0.70
C LEU C 106 -28.92 15.11 1.09
N GLY C 107 -28.98 16.34 0.55
CA GLY C 107 -30.10 17.24 0.79
C GLY C 107 -29.87 18.37 1.77
N TYR C 108 -28.67 18.40 2.38
CA TYR C 108 -28.25 19.37 3.41
C TYR C 108 -27.48 20.59 2.80
N PRO C 109 -27.71 21.87 3.21
CA PRO C 109 -28.68 22.39 4.21
C PRO C 109 -30.08 22.65 3.64
N TYR C 110 -31.02 23.07 4.50
CA TYR C 110 -32.46 23.18 4.17
C TYR C 110 -32.92 24.62 3.96
N ASP C 111 -33.04 25.04 2.66
CA ASP C 111 -33.39 26.44 2.37
C ASP C 111 -34.87 26.72 2.38
N TYR C 112 -35.70 25.67 2.31
CA TYR C 112 -37.15 25.84 2.37
C TYR C 112 -37.80 24.65 3.05
N TRP C 113 -38.76 24.93 3.94
CA TRP C 113 -39.47 23.92 4.74
C TRP C 113 -40.98 24.07 4.56
N GLY C 114 -41.69 22.95 4.53
CA GLY C 114 -43.14 22.96 4.47
C GLY C 114 -43.72 23.23 5.85
N GLN C 115 -45.05 23.25 5.96
CA GLN C 115 -45.72 23.50 7.24
C GLN C 115 -45.66 22.30 8.19
N GLY C 116 -45.43 21.12 7.62
CA GLY C 116 -45.32 19.87 8.36
C GLY C 116 -46.62 19.10 8.50
N THR C 117 -46.50 17.79 8.68
CA THR C 117 -47.63 16.90 8.91
C THR C 117 -47.44 16.18 10.25
N GLN C 118 -48.48 16.17 11.11
CA GLN C 118 -48.42 15.55 12.44
C GLN C 118 -48.58 14.02 12.39
N VAL C 119 -47.64 13.32 13.00
CA VAL C 119 -47.63 11.87 13.13
C VAL C 119 -47.67 11.52 14.62
N THR C 120 -48.68 10.74 15.04
CA THR C 120 -48.75 10.32 16.43
C THR C 120 -48.79 8.81 16.48
N VAL C 121 -47.75 8.22 17.08
CA VAL C 121 -47.63 6.78 17.25
C VAL C 121 -47.86 6.54 18.74
N SER C 122 -49.05 6.02 19.08
CA SER C 122 -49.39 5.81 20.47
C SER C 122 -50.34 4.64 20.69
N SER C 123 -50.19 4.01 21.86
CA SER C 123 -51.08 2.94 22.29
C SER C 123 -52.32 3.59 22.92
N ALA C 124 -52.30 4.94 23.16
CA ALA C 124 -53.46 5.62 23.74
C ALA C 124 -54.65 5.65 22.77
N SER C 125 -55.85 5.52 23.33
CA SER C 125 -57.09 5.59 22.58
C SER C 125 -58.10 6.31 23.49
N THR C 126 -59.26 6.70 22.96
CA THR C 126 -60.30 7.42 23.71
C THR C 126 -60.46 6.94 25.17
N LYS C 127 -60.35 7.88 26.16
CA LYS C 127 -60.46 7.57 27.58
C LYS C 127 -60.76 8.84 28.36
N GLY C 128 -61.74 8.73 29.25
CA GLY C 128 -62.09 9.83 30.12
C GLY C 128 -61.12 9.91 31.27
N PRO C 129 -61.03 11.09 31.86
CA PRO C 129 -60.09 11.26 32.97
C PRO C 129 -60.59 10.76 34.32
N SER C 130 -59.65 10.60 35.26
CA SER C 130 -59.91 10.38 36.68
C SER C 130 -59.76 11.78 37.28
N VAL C 131 -60.73 12.20 38.09
CA VAL C 131 -60.68 13.53 38.67
C VAL C 131 -60.44 13.43 40.17
N PHE C 132 -59.41 14.17 40.64
CA PHE C 132 -59.05 14.16 42.06
C PHE C 132 -59.04 15.56 42.63
N PRO C 133 -59.49 15.74 43.88
CA PRO C 133 -59.47 17.08 44.46
C PRO C 133 -58.07 17.50 44.89
N LEU C 134 -57.77 18.79 44.79
CA LEU C 134 -56.51 19.38 45.25
C LEU C 134 -56.94 20.30 46.39
N ALA C 135 -57.01 19.72 47.60
CA ALA C 135 -57.53 20.37 48.79
C ALA C 135 -56.75 21.60 49.19
N PRO C 136 -57.41 22.66 49.70
CA PRO C 136 -56.66 23.85 50.15
C PRO C 136 -55.78 23.49 51.36
N SER C 137 -54.51 23.99 51.37
CA SER C 137 -53.57 23.73 52.46
C SER C 137 -53.82 24.78 53.51
N GLY C 144 -54.59 36.05 53.44
CA GLY C 144 -56.02 35.74 53.46
C GLY C 144 -56.57 34.96 52.28
N THR C 145 -55.69 34.33 51.48
CA THR C 145 -56.10 33.54 50.31
C THR C 145 -55.68 32.07 50.50
N ALA C 146 -56.32 31.19 49.74
CA ALA C 146 -56.00 29.77 49.71
C ALA C 146 -56.17 29.32 48.27
N ALA C 147 -55.31 28.39 47.84
CA ALA C 147 -55.36 27.79 46.50
C ALA C 147 -55.95 26.38 46.62
N LEU C 148 -56.93 26.07 45.78
CA LEU C 148 -57.54 24.75 45.76
C LEU C 148 -57.81 24.39 44.31
N GLY C 149 -57.97 23.12 44.00
CA GLY C 149 -58.26 22.81 42.60
C GLY C 149 -58.61 21.38 42.32
N CYS C 150 -58.49 21.00 41.04
N CYS C 150 -58.52 20.97 41.05
CA CYS C 150 -58.79 19.65 40.60
CA CYS C 150 -58.79 19.57 40.72
C CYS C 150 -57.70 19.14 39.69
C CYS C 150 -57.86 19.07 39.63
N LEU C 151 -57.31 17.89 39.88
CA LEU C 151 -56.37 17.19 39.01
C LEU C 151 -57.20 16.32 38.04
N VAL C 152 -57.03 16.56 36.74
CA VAL C 152 -57.77 15.87 35.68
C VAL C 152 -56.75 14.96 35.01
N LYS C 153 -56.74 13.70 35.46
CA LYS C 153 -55.70 12.75 35.11
C LYS C 153 -56.05 11.71 34.07
N ASP C 154 -55.07 11.44 33.19
CA ASP C 154 -55.01 10.36 32.23
C ASP C 154 -56.18 10.27 31.24
N TYR C 155 -56.32 11.29 30.39
CA TYR C 155 -57.35 11.30 29.36
C TYR C 155 -56.75 11.33 27.96
N PHE C 156 -57.57 10.99 26.96
CA PHE C 156 -57.18 11.03 25.56
C PHE C 156 -58.44 11.08 24.68
N PRO C 157 -58.47 11.91 23.62
CA PRO C 157 -57.46 12.92 23.25
C PRO C 157 -57.81 14.24 23.95
N GLU C 158 -57.16 15.33 23.54
CA GLU C 158 -57.52 16.67 23.99
C GLU C 158 -58.83 17.02 23.24
N PRO C 159 -59.68 17.91 23.77
CA PRO C 159 -59.54 18.71 24.98
C PRO C 159 -60.46 18.31 26.12
N VAL C 160 -60.25 18.93 27.30
CA VAL C 160 -61.15 18.80 28.46
C VAL C 160 -61.54 20.22 28.83
N THR C 161 -62.73 20.40 29.43
CA THR C 161 -63.17 21.73 29.91
C THR C 161 -63.39 21.58 31.40
N VAL C 162 -63.08 22.65 32.16
CA VAL C 162 -63.28 22.65 33.60
C VAL C 162 -64.02 23.92 33.97
N SER C 163 -65.14 23.78 34.67
CA SER C 163 -65.84 24.94 35.21
C SER C 163 -65.91 24.74 36.74
N TRP C 164 -66.21 25.81 37.47
CA TRP C 164 -66.30 25.76 38.92
C TRP C 164 -67.70 26.19 39.34
N ASN C 165 -68.35 25.39 40.20
CA ASN C 165 -69.71 25.65 40.70
C ASN C 165 -70.71 25.87 39.56
N SER C 166 -70.62 25.01 38.52
CA SER C 166 -71.45 25.02 37.30
C SER C 166 -71.41 26.38 36.59
N GLY C 167 -70.23 27.01 36.59
CA GLY C 167 -70.00 28.30 35.94
C GLY C 167 -70.27 29.53 36.80
N ALA C 168 -70.78 29.31 38.03
CA ALA C 168 -71.07 30.41 38.96
C ALA C 168 -69.76 31.04 39.49
N LEU C 169 -68.66 30.28 39.47
CA LEU C 169 -67.34 30.74 39.93
C LEU C 169 -66.33 30.86 38.76
N THR C 170 -65.95 32.10 38.38
CA THR C 170 -64.99 32.32 37.27
C THR C 170 -63.76 33.12 37.71
N SER C 171 -63.94 34.05 38.65
CA SER C 171 -62.85 34.89 39.14
C SER C 171 -61.80 34.06 39.87
N GLY C 172 -60.54 34.25 39.52
CA GLY C 172 -59.43 33.55 40.16
C GLY C 172 -59.19 32.11 39.73
N VAL C 173 -59.87 31.64 38.66
CA VAL C 173 -59.74 30.28 38.11
C VAL C 173 -58.65 30.28 37.04
N HIS C 174 -57.65 29.39 37.18
CA HIS C 174 -56.60 29.21 36.19
C HIS C 174 -56.55 27.72 35.85
N THR C 175 -56.96 27.39 34.62
CA THR C 175 -56.89 26.02 34.11
C THR C 175 -55.62 25.95 33.28
N PHE C 176 -54.71 25.10 33.71
CA PHE C 176 -53.42 24.98 33.07
C PHE C 176 -53.40 24.11 31.82
N PRO C 177 -52.60 24.48 30.80
CA PRO C 177 -52.46 23.59 29.61
C PRO C 177 -51.99 22.19 30.06
N ALA C 178 -52.47 21.15 29.37
CA ALA C 178 -52.16 19.76 29.71
C ALA C 178 -50.70 19.36 29.48
N VAL C 179 -50.23 18.36 30.24
CA VAL C 179 -48.96 17.70 30.05
C VAL C 179 -49.31 16.44 29.24
N LEU C 180 -48.46 16.07 28.28
CA LEU C 180 -48.61 14.84 27.52
C LEU C 180 -47.61 13.88 28.12
N GLN C 181 -48.10 12.84 28.79
CA GLN C 181 -47.27 11.85 29.46
C GLN C 181 -46.72 10.82 28.48
N SER C 182 -45.67 10.09 28.89
CA SER C 182 -45.01 9.07 28.05
C SER C 182 -45.96 7.93 27.65
N SER C 183 -47.07 7.74 28.41
CA SER C 183 -48.11 6.74 28.14
C SER C 183 -48.98 7.14 26.93
N GLY C 184 -48.88 8.41 26.52
CA GLY C 184 -49.70 8.98 25.45
C GLY C 184 -50.98 9.60 26.00
N LEU C 185 -51.17 9.58 27.34
CA LEU C 185 -52.34 10.19 27.96
C LEU C 185 -52.01 11.58 28.48
N TYR C 186 -53.00 12.46 28.50
CA TYR C 186 -52.87 13.82 28.99
C TYR C 186 -53.32 13.94 30.43
N SER C 187 -52.79 14.94 31.14
CA SER C 187 -53.23 15.32 32.46
C SER C 187 -53.17 16.84 32.55
N LEU C 188 -54.14 17.45 33.24
CA LEU C 188 -54.13 18.88 33.52
C LEU C 188 -54.62 19.17 34.93
N SER C 189 -54.46 20.41 35.37
CA SER C 189 -54.97 20.87 36.66
C SER C 189 -55.68 22.20 36.46
N SER C 190 -56.72 22.41 37.27
CA SER C 190 -57.47 23.67 37.30
C SER C 190 -57.41 24.12 38.75
N VAL C 191 -56.89 25.33 39.00
CA VAL C 191 -56.74 25.87 40.36
C VAL C 191 -57.50 27.16 40.51
N VAL C 192 -58.08 27.38 41.69
CA VAL C 192 -58.83 28.58 41.98
C VAL C 192 -58.31 29.19 43.32
N THR C 193 -57.98 30.49 43.31
CA THR C 193 -57.52 31.27 44.48
C THR C 193 -58.75 31.90 45.14
N VAL C 194 -59.06 31.46 46.37
CA VAL C 194 -60.28 31.83 47.11
C VAL C 194 -59.99 32.50 48.47
N PRO C 195 -60.97 33.17 49.14
CA PRO C 195 -60.70 33.70 50.49
C PRO C 195 -60.60 32.57 51.52
N SER C 196 -59.53 32.54 52.31
CA SER C 196 -59.32 31.50 53.32
C SER C 196 -60.43 31.46 54.39
N SER C 197 -60.95 32.62 54.82
CA SER C 197 -61.97 32.77 55.86
C SER C 197 -63.27 31.99 55.61
N SER C 198 -63.69 31.88 54.33
CA SER C 198 -64.95 31.23 53.96
C SER C 198 -64.82 29.72 53.67
N LEU C 199 -63.62 29.11 53.87
CA LEU C 199 -63.42 27.67 53.64
C LEU C 199 -64.34 26.76 54.50
N GLY C 200 -64.66 27.23 55.71
CA GLY C 200 -65.57 26.53 56.61
C GLY C 200 -67.05 26.59 56.22
N THR C 201 -67.42 27.44 55.23
CA THR C 201 -68.83 27.61 54.81
C THR C 201 -69.07 27.45 53.30
N GLN C 202 -68.11 27.84 52.46
CA GLN C 202 -68.24 27.79 51.01
C GLN C 202 -67.97 26.41 50.42
N THR C 203 -68.72 26.08 49.35
CA THR C 203 -68.62 24.84 48.60
C THR C 203 -67.92 25.14 47.28
N TYR C 204 -66.95 24.29 46.91
CA TYR C 204 -66.20 24.39 45.65
C TYR C 204 -66.31 23.06 44.97
N ILE C 205 -66.84 23.07 43.75
CA ILE C 205 -67.02 21.85 42.95
C ILE C 205 -66.48 22.11 41.55
N CYS C 206 -65.56 21.28 41.08
N CYS C 206 -65.56 21.27 41.06
CA CYS C 206 -65.08 21.41 39.71
CA CYS C 206 -65.08 21.41 39.69
C CYS C 206 -65.96 20.51 38.83
C CYS C 206 -65.83 20.46 38.75
N ASN C 207 -66.37 21.03 37.65
CA ASN C 207 -67.20 20.29 36.69
C ASN C 207 -66.32 20.01 35.48
N VAL C 208 -65.92 18.75 35.35
CA VAL C 208 -65.02 18.26 34.30
C VAL C 208 -65.79 17.63 33.16
N ASN C 209 -65.49 18.04 31.93
CA ASN C 209 -66.15 17.48 30.75
C ASN C 209 -65.15 17.11 29.69
N HIS C 210 -65.08 15.81 29.37
CA HIS C 210 -64.24 15.29 28.31
C HIS C 210 -65.20 14.79 27.24
N LYS C 211 -65.58 15.69 26.30
CA LYS C 211 -66.54 15.35 25.22
C LYS C 211 -66.13 14.12 24.36
N PRO C 212 -64.85 13.89 23.96
CA PRO C 212 -64.53 12.70 23.15
C PRO C 212 -64.94 11.35 23.73
N SER C 213 -64.89 11.20 25.08
CA SER C 213 -65.28 9.93 25.73
C SER C 213 -66.66 10.03 26.37
N ASN C 214 -67.31 11.22 26.26
CA ASN C 214 -68.60 11.53 26.91
C ASN C 214 -68.47 11.38 28.46
N THR C 215 -67.30 11.80 29.01
CA THR C 215 -67.05 11.74 30.45
C THR C 215 -67.41 13.06 31.10
N LYS C 216 -68.34 13.02 32.06
CA LYS C 216 -68.77 14.20 32.84
C LYS C 216 -68.56 13.81 34.29
N VAL C 217 -67.75 14.59 35.02
CA VAL C 217 -67.43 14.33 36.44
C VAL C 217 -67.51 15.65 37.23
N ASP C 218 -68.22 15.63 38.37
CA ASP C 218 -68.29 16.76 39.33
C ASP C 218 -67.57 16.31 40.59
N LYS C 219 -66.61 17.12 41.06
CA LYS C 219 -65.79 16.77 42.19
C LYS C 219 -65.78 17.88 43.24
N LYS C 220 -66.29 17.58 44.43
CA LYS C 220 -66.30 18.53 45.53
C LYS C 220 -64.86 18.63 46.07
N VAL C 221 -64.37 19.86 46.27
CA VAL C 221 -63.03 20.10 46.79
C VAL C 221 -63.18 20.71 48.19
N GLU C 222 -62.87 19.91 49.23
CA GLU C 222 -63.04 20.25 50.65
C GLU C 222 -61.73 20.34 51.40
N PRO C 223 -61.68 21.06 52.55
CA PRO C 223 -60.47 21.01 53.40
C PRO C 223 -60.25 19.58 53.92
N LYS C 224 -58.99 19.19 54.19
CA LYS C 224 -58.66 17.87 54.72
C LYS C 224 -59.02 17.83 56.22
N SER D 2 -26.35 11.79 17.22
CA SER D 2 -25.45 12.88 17.60
C SER D 2 -26.22 14.20 17.59
N VAL D 3 -26.01 15.05 18.64
CA VAL D 3 -26.71 16.34 18.84
C VAL D 3 -25.73 17.47 19.26
N LEU D 4 -25.82 18.65 18.61
CA LEU D 4 -25.01 19.83 18.92
C LEU D 4 -25.56 20.49 20.19
N THR D 5 -24.68 21.02 21.05
CA THR D 5 -25.10 21.62 22.32
C THR D 5 -25.38 23.12 22.22
N GLN D 6 -26.62 23.52 22.48
CA GLN D 6 -27.04 24.91 22.49
C GLN D 6 -27.57 25.29 23.88
N PRO D 7 -27.41 26.57 24.32
CA PRO D 7 -28.05 26.98 25.60
C PRO D 7 -29.59 26.90 25.43
N PRO D 8 -30.34 26.32 26.40
CA PRO D 8 -31.81 26.22 26.21
C PRO D 8 -32.52 27.56 26.01
N SER D 9 -32.05 28.61 26.69
CA SER D 9 -32.68 29.92 26.61
C SER D 9 -31.69 31.06 26.67
N VAL D 10 -32.03 32.14 25.97
CA VAL D 10 -31.26 33.40 25.93
C VAL D 10 -32.33 34.53 25.87
N SER D 11 -32.05 35.67 26.49
CA SER D 11 -32.90 36.87 26.32
C SER D 11 -32.05 38.11 26.19
N GLY D 12 -32.64 39.13 25.61
CA GLY D 12 -32.05 40.45 25.44
C GLY D 12 -33.12 41.50 25.21
N SER D 13 -32.78 42.73 25.50
CA SER D 13 -33.69 43.86 25.34
C SER D 13 -33.57 44.33 23.88
N PRO D 14 -34.56 45.08 23.32
CA PRO D 14 -34.36 45.63 21.95
C PRO D 14 -33.06 46.49 21.87
N GLY D 15 -32.25 46.27 20.83
CA GLY D 15 -30.99 46.97 20.65
C GLY D 15 -29.77 46.26 21.22
N GLU D 16 -29.97 45.20 22.04
CA GLU D 16 -28.88 44.40 22.60
C GLU D 16 -28.29 43.48 21.50
N THR D 17 -26.97 43.15 21.61
CA THR D 17 -26.29 42.16 20.76
C THR D 17 -26.21 40.89 21.60
N VAL D 18 -26.76 39.78 21.06
CA VAL D 18 -26.77 38.50 21.76
C VAL D 18 -26.08 37.43 20.92
N THR D 19 -25.43 36.45 21.59
N THR D 19 -25.43 36.45 21.59
CA THR D 19 -24.78 35.33 20.90
CA THR D 19 -24.76 35.34 20.92
C THR D 19 -25.38 33.99 21.37
C THR D 19 -25.35 33.98 21.38
N ILE D 20 -25.60 33.07 20.42
CA ILE D 20 -26.11 31.74 20.70
C ILE D 20 -24.95 30.77 20.31
N SER D 21 -24.43 29.97 21.27
CA SER D 21 -23.35 29.03 20.99
C SER D 21 -23.89 27.67 20.53
N CYS D 22 -23.04 26.88 19.86
CA CYS D 22 -23.42 25.60 19.25
C CYS D 22 -22.19 24.71 19.30
N ALA D 23 -22.05 23.91 20.39
CA ALA D 23 -20.88 23.04 20.60
C ALA D 23 -21.02 21.68 19.94
N GLY D 24 -20.09 21.41 19.04
CA GLY D 24 -20.03 20.17 18.28
C GLY D 24 -18.72 19.43 18.44
N THR D 25 -18.36 18.64 17.43
CA THR D 25 -17.13 17.84 17.43
C THR D 25 -16.34 18.07 16.13
N SER D 26 -15.15 17.46 16.04
CA SER D 26 -14.30 17.51 14.86
C SER D 26 -14.95 16.78 13.65
N SER D 27 -16.01 15.99 13.88
CA SER D 27 -16.73 15.27 12.83
C SER D 27 -17.90 16.07 12.27
N ASP D 28 -18.24 17.21 12.87
CA ASP D 28 -19.35 18.03 12.36
C ASP D 28 -18.96 19.53 12.28
N VAL D 29 -19.14 20.34 13.37
CA VAL D 29 -18.78 21.76 13.39
C VAL D 29 -17.31 21.97 12.95
N GLY D 30 -16.41 21.19 13.53
CA GLY D 30 -14.99 21.27 13.23
C GLY D 30 -14.53 20.56 11.97
N TYR D 31 -15.42 19.79 11.31
CA TYR D 31 -15.11 19.02 10.08
C TYR D 31 -14.90 19.89 8.82
N GLY D 32 -15.61 20.99 8.74
CA GLY D 32 -15.53 21.90 7.59
C GLY D 32 -16.48 23.05 7.79
N ASN D 33 -16.78 23.80 6.69
CA ASN D 33 -17.65 24.97 6.73
C ASN D 33 -19.08 24.61 6.40
N TYR D 34 -19.70 23.77 7.23
CA TYR D 34 -21.04 23.25 6.93
C TYR D 34 -22.13 23.68 7.89
N VAL D 35 -21.81 24.50 8.86
CA VAL D 35 -22.79 24.94 9.85
C VAL D 35 -23.89 25.80 9.18
N SER D 36 -25.16 25.53 9.54
CA SER D 36 -26.33 26.28 9.15
C SER D 36 -27.15 26.65 10.39
N TRP D 37 -27.90 27.74 10.32
CA TRP D 37 -28.77 28.21 11.39
C TRP D 37 -30.17 28.39 10.86
N TYR D 38 -31.17 28.05 11.70
CA TYR D 38 -32.60 28.15 11.37
C TYR D 38 -33.29 28.94 12.43
N GLN D 39 -34.23 29.77 12.02
CA GLN D 39 -35.08 30.53 12.92
C GLN D 39 -36.46 29.88 12.84
N GLN D 40 -37.10 29.67 13.98
CA GLN D 40 -38.45 29.11 14.04
C GLN D 40 -39.29 30.04 14.90
N LEU D 41 -40.12 30.81 14.23
CA LEU D 41 -41.00 31.80 14.85
C LEU D 41 -42.25 31.14 15.39
N PRO D 42 -42.92 31.78 16.41
CA PRO D 42 -44.10 31.14 17.03
C PRO D 42 -45.14 30.63 16.04
N GLY D 43 -45.43 29.31 16.15
CA GLY D 43 -46.39 28.58 15.32
C GLY D 43 -46.04 28.48 13.85
N MET D 44 -44.74 28.58 13.53
CA MET D 44 -44.29 28.54 12.13
C MET D 44 -43.29 27.44 11.85
N ALA D 45 -43.06 27.17 10.56
CA ALA D 45 -42.05 26.21 10.11
C ALA D 45 -40.67 26.86 10.27
N PRO D 46 -39.58 26.06 10.44
CA PRO D 46 -38.23 26.67 10.44
C PRO D 46 -37.92 27.40 9.13
N ARG D 47 -36.99 28.34 9.20
CA ARG D 47 -36.55 29.16 8.08
C ARG D 47 -35.02 29.24 8.11
N LEU D 48 -34.37 28.99 6.96
CA LEU D 48 -32.90 29.08 6.87
C LEU D 48 -32.43 30.53 7.14
N LEU D 49 -31.43 30.71 8.02
CA LEU D 49 -30.87 32.04 8.30
C LEU D 49 -29.46 32.15 7.74
N ILE D 50 -28.63 31.17 8.12
CA ILE D 50 -27.21 31.15 7.82
C ILE D 50 -26.86 29.79 7.26
N TYR D 51 -25.94 29.74 6.28
CA TYR D 51 -25.42 28.49 5.73
C TYR D 51 -23.92 28.66 5.56
N GLU D 52 -23.18 27.55 5.41
CA GLU D 52 -21.72 27.58 5.26
C GLU D 52 -21.05 28.47 6.30
N VAL D 53 -21.47 28.30 7.58
CA VAL D 53 -20.96 29.00 8.78
C VAL D 53 -21.38 30.49 8.87
N ASN D 54 -21.16 31.30 7.79
CA ASN D 54 -21.35 32.76 7.84
C ASN D 54 -22.08 33.40 6.65
N LYS D 55 -22.68 32.60 5.76
CA LYS D 55 -23.37 33.16 4.60
C LYS D 55 -24.85 33.35 4.93
N ARG D 56 -25.39 34.53 4.65
N ARG D 56 -25.40 34.52 4.63
CA ARG D 56 -26.80 34.87 4.93
CA ARG D 56 -26.79 34.86 4.91
C ARG D 56 -27.71 34.35 3.82
C ARG D 56 -27.71 34.34 3.81
N ALA D 57 -28.80 33.66 4.21
CA ALA D 57 -29.80 33.12 3.28
C ALA D 57 -30.60 34.29 2.66
N SER D 58 -31.34 34.06 1.57
CA SER D 58 -32.09 35.15 0.90
C SER D 58 -33.11 35.85 1.80
N GLY D 59 -33.08 37.18 1.75
CA GLY D 59 -33.95 38.04 2.55
C GLY D 59 -33.57 38.15 4.02
N ILE D 60 -32.38 37.63 4.40
CA ILE D 60 -31.92 37.67 5.79
C ILE D 60 -31.02 38.86 6.02
N THR D 61 -31.38 39.68 7.00
CA THR D 61 -30.66 40.89 7.37
C THR D 61 -29.25 40.60 7.92
N ASP D 62 -28.35 41.60 7.71
CA ASP D 62 -26.97 41.62 8.17
C ASP D 62 -26.87 41.65 9.70
N ARG D 63 -28.00 41.92 10.42
CA ARG D 63 -28.07 41.87 11.89
C ARG D 63 -27.74 40.44 12.36
N PHE D 64 -28.01 39.43 11.50
CA PHE D 64 -27.67 38.05 11.80
C PHE D 64 -26.30 37.73 11.22
N SER D 65 -25.41 37.21 12.04
CA SER D 65 -24.09 36.81 11.55
C SER D 65 -23.69 35.50 12.21
N GLY D 66 -22.94 34.71 11.47
CA GLY D 66 -22.47 33.43 11.95
C GLY D 66 -20.96 33.33 11.92
N SER D 67 -20.41 32.54 12.84
CA SER D 67 -18.98 32.30 12.93
C SER D 67 -18.75 30.93 13.58
N LYS D 68 -17.50 30.50 13.64
CA LYS D 68 -17.09 29.31 14.36
C LYS D 68 -15.64 29.44 14.78
N SER D 69 -15.27 28.73 15.86
CA SER D 69 -13.92 28.65 16.40
C SER D 69 -13.80 27.22 16.90
N GLY D 70 -12.90 26.45 16.31
CA GLY D 70 -12.70 25.05 16.64
C GLY D 70 -13.98 24.26 16.40
N ASN D 71 -14.47 23.60 17.45
CA ASN D 71 -15.68 22.78 17.36
C ASN D 71 -16.95 23.49 17.81
N THR D 72 -16.87 24.82 18.01
CA THR D 72 -18.02 25.61 18.46
C THR D 72 -18.37 26.71 17.48
N ALA D 73 -19.62 26.72 17.06
CA ALA D 73 -20.15 27.72 16.14
C ALA D 73 -20.99 28.73 16.94
N SER D 74 -21.14 29.95 16.41
CA SER D 74 -21.90 30.99 17.09
C SER D 74 -22.74 31.79 16.13
N LEU D 75 -23.96 32.11 16.56
CA LEU D 75 -24.87 32.97 15.86
C LEU D 75 -24.93 34.27 16.69
N THR D 76 -24.70 35.41 16.03
CA THR D 76 -24.74 36.71 16.69
C THR D 76 -25.87 37.48 16.08
N ILE D 77 -26.73 38.04 16.94
CA ILE D 77 -27.85 38.89 16.54
C ILE D 77 -27.57 40.28 17.10
N SER D 78 -27.23 41.22 16.21
CA SER D 78 -26.94 42.60 16.61
C SER D 78 -28.22 43.36 16.58
N GLY D 79 -28.38 44.28 17.53
CA GLY D 79 -29.57 45.10 17.64
C GLY D 79 -30.85 44.30 17.58
N LEU D 80 -31.13 43.51 18.64
CA LEU D 80 -32.34 42.69 18.76
C LEU D 80 -33.58 43.52 18.43
N GLN D 81 -34.50 42.93 17.68
CA GLN D 81 -35.79 43.54 17.33
C GLN D 81 -36.90 42.56 17.82
N SER D 82 -38.08 43.06 18.20
CA SER D 82 -39.14 42.22 18.78
C SER D 82 -39.50 40.99 17.92
N GLU D 83 -39.52 41.15 16.58
CA GLU D 83 -39.85 40.08 15.63
C GLU D 83 -38.82 38.92 15.63
N ASP D 84 -37.65 39.12 16.25
CA ASP D 84 -36.60 38.10 16.37
C ASP D 84 -36.98 37.01 17.38
N GLU D 85 -37.98 37.28 18.23
CA GLU D 85 -38.35 36.30 19.26
C GLU D 85 -38.81 34.98 18.63
N GLY D 86 -38.25 33.87 19.11
CA GLY D 86 -38.54 32.53 18.63
C GLY D 86 -37.46 31.53 18.97
N ASP D 87 -37.47 30.37 18.30
CA ASP D 87 -36.47 29.33 18.53
C ASP D 87 -35.41 29.32 17.44
N TYR D 88 -34.14 29.10 17.85
CA TYR D 88 -33.00 29.07 16.93
C TYR D 88 -32.29 27.76 17.03
N TYR D 89 -32.05 27.14 15.87
CA TYR D 89 -31.34 25.86 15.79
C TYR D 89 -30.11 25.95 14.94
N CYS D 90 -29.00 25.38 15.42
CA CYS D 90 -27.83 25.22 14.56
C CYS D 90 -27.92 23.80 13.99
N ALA D 91 -27.14 23.54 12.92
CA ALA D 91 -27.06 22.24 12.27
C ALA D 91 -25.70 22.11 11.59
N SER D 92 -25.29 20.87 11.30
CA SER D 92 -24.07 20.63 10.58
C SER D 92 -24.17 19.32 9.83
N TYR D 93 -23.39 19.20 8.78
CA TYR D 93 -23.16 17.95 8.10
C TYR D 93 -22.23 17.22 9.11
N ARG D 94 -22.42 15.91 9.29
CA ARG D 94 -21.53 15.17 10.16
C ARG D 94 -20.92 14.08 9.32
N SER D 95 -19.58 13.90 9.42
CA SER D 95 -18.90 12.85 8.67
C SER D 95 -19.41 11.50 9.22
N SER D 96 -19.92 10.60 8.40
CA SER D 96 -20.11 10.71 6.97
C SER D 96 -21.61 10.49 6.67
N ASN D 97 -22.14 11.14 5.63
CA ASN D 97 -23.53 10.99 5.12
C ASN D 97 -24.58 11.21 6.19
N ASN D 98 -24.40 12.27 7.00
CA ASN D 98 -25.26 12.53 8.14
C ASN D 98 -25.51 14.04 8.32
N ALA D 99 -26.65 14.40 8.91
CA ALA D 99 -26.99 15.79 9.23
C ALA D 99 -27.45 15.81 10.69
N VAL D 100 -26.79 16.63 11.52
CA VAL D 100 -27.11 16.72 12.96
C VAL D 100 -27.58 18.12 13.30
N PHE D 101 -28.39 18.23 14.34
CA PHE D 101 -28.92 19.53 14.79
C PHE D 101 -28.58 19.79 16.22
N GLY D 102 -28.63 21.09 16.58
CA GLY D 102 -28.54 21.52 17.97
C GLY D 102 -29.89 21.28 18.62
N GLY D 103 -29.92 21.32 19.94
CA GLY D 103 -31.15 21.11 20.68
C GLY D 103 -32.12 22.29 20.68
N GLY D 104 -31.68 23.45 20.18
CA GLY D 104 -32.50 24.64 20.09
C GLY D 104 -32.35 25.60 21.26
N THR D 105 -32.48 26.89 20.92
CA THR D 105 -32.43 27.98 21.89
C THR D 105 -33.68 28.82 21.75
N HIS D 106 -34.38 28.99 22.84
CA HIS D 106 -35.53 29.87 22.88
C HIS D 106 -35.02 31.28 23.21
N LEU D 107 -35.20 32.20 22.25
CA LEU D 107 -34.78 33.59 22.42
C LEU D 107 -36.00 34.46 22.71
N THR D 108 -35.98 35.18 23.83
CA THR D 108 -37.05 36.14 24.16
C THR D 108 -36.49 37.55 23.96
N VAL D 109 -37.27 38.44 23.32
CA VAL D 109 -36.88 39.86 23.21
C VAL D 109 -37.70 40.54 24.32
N LEU D 110 -37.04 41.00 25.38
CA LEU D 110 -37.69 41.55 26.57
C LEU D 110 -38.60 42.73 26.25
N GLY D 111 -39.91 42.55 26.48
CA GLY D 111 -40.92 43.57 26.17
C GLY D 111 -41.61 44.13 27.40
N GLN D 112 -41.29 43.56 28.57
CA GLN D 112 -41.79 43.97 29.86
C GLN D 112 -40.74 43.59 30.94
N PRO D 113 -40.86 44.07 32.20
CA PRO D 113 -39.88 43.69 33.22
C PRO D 113 -39.91 42.20 33.50
N LYS D 114 -38.73 41.64 33.83
CA LYS D 114 -38.66 40.22 34.18
C LYS D 114 -39.49 39.98 35.46
N ALA D 115 -40.11 38.79 35.56
CA ALA D 115 -40.97 38.44 36.70
C ALA D 115 -40.67 37.03 37.17
N ALA D 116 -40.46 36.86 38.48
CA ALA D 116 -40.18 35.54 39.06
C ALA D 116 -41.48 34.72 39.12
N PRO D 117 -41.39 33.38 39.01
CA PRO D 117 -42.61 32.57 39.06
C PRO D 117 -43.27 32.47 40.43
N SER D 118 -44.60 32.33 40.44
CA SER D 118 -45.40 31.97 41.61
C SER D 118 -45.48 30.44 41.52
N VAL D 119 -45.22 29.77 42.63
CA VAL D 119 -45.20 28.31 42.65
C VAL D 119 -46.23 27.81 43.65
N THR D 120 -47.10 26.90 43.20
CA THR D 120 -48.11 26.26 44.05
C THR D 120 -47.89 24.73 43.96
N LEU D 121 -47.71 24.09 45.11
CA LEU D 121 -47.48 22.66 45.15
C LEU D 121 -48.58 21.91 45.92
N PHE D 122 -49.16 20.91 45.29
CA PHE D 122 -50.17 20.08 45.92
C PHE D 122 -49.66 18.68 46.14
N PRO D 123 -49.91 18.12 47.32
CA PRO D 123 -49.52 16.73 47.57
C PRO D 123 -50.59 15.77 46.96
N PRO D 124 -50.36 14.43 46.96
CA PRO D 124 -51.42 13.51 46.48
C PRO D 124 -52.68 13.63 47.33
N SER D 125 -53.85 13.49 46.70
CA SER D 125 -55.14 13.53 47.41
C SER D 125 -55.34 12.20 48.11
N SER D 126 -56.21 12.19 49.16
CA SER D 126 -56.56 10.94 49.88
C SER D 126 -57.22 9.97 48.91
N GLU D 127 -58.04 10.51 47.97
CA GLU D 127 -58.73 9.70 46.96
C GLU D 127 -57.73 8.95 46.07
N GLU D 128 -56.69 9.65 45.59
CA GLU D 128 -55.70 9.04 44.73
C GLU D 128 -54.89 7.97 45.47
N LEU D 129 -54.49 8.27 46.73
CA LEU D 129 -53.77 7.34 47.59
C LEU D 129 -54.61 6.08 47.86
N GLN D 130 -55.96 6.23 47.95
CA GLN D 130 -56.87 5.08 48.11
C GLN D 130 -56.92 4.23 46.83
N ALA D 131 -56.65 4.86 45.65
CA ALA D 131 -56.62 4.18 44.35
C ALA D 131 -55.20 3.64 44.02
N ASN D 132 -54.34 3.57 45.06
CA ASN D 132 -52.96 3.06 45.05
C ASN D 132 -52.01 3.82 44.09
N LYS D 133 -52.20 5.15 44.00
CA LYS D 133 -51.37 6.04 43.18
C LYS D 133 -51.07 7.31 43.95
N ALA D 134 -50.04 8.07 43.52
CA ALA D 134 -49.66 9.32 44.18
C ALA D 134 -49.07 10.30 43.15
N THR D 135 -49.72 11.46 42.95
CA THR D 135 -49.23 12.49 42.04
C THR D 135 -49.02 13.80 42.79
N LEU D 136 -47.80 14.37 42.68
CA LEU D 136 -47.46 15.68 43.23
C LEU D 136 -47.63 16.65 42.07
N VAL D 137 -48.34 17.75 42.33
CA VAL D 137 -48.68 18.71 41.29
C VAL D 137 -48.01 20.04 41.58
N CYS D 138 -47.10 20.45 40.69
CA CYS D 138 -46.40 21.73 40.80
C CYS D 138 -46.88 22.73 39.73
N LEU D 139 -47.59 23.76 40.15
CA LEU D 139 -48.15 24.77 39.24
C LEU D 139 -47.36 26.07 39.31
N ILE D 140 -46.90 26.50 38.13
CA ILE D 140 -45.96 27.61 38.00
C ILE D 140 -46.56 28.71 37.14
N SER D 141 -46.68 29.93 37.67
CA SER D 141 -47.33 30.98 36.90
C SER D 141 -46.69 32.35 37.02
N ASP D 142 -47.12 33.28 36.13
CA ASP D 142 -46.73 34.70 36.09
C ASP D 142 -45.21 34.95 36.00
N PHE D 143 -44.50 34.12 35.24
CA PHE D 143 -43.08 34.32 35.06
C PHE D 143 -42.80 34.91 33.68
N TYR D 144 -41.72 35.68 33.60
CA TYR D 144 -41.27 36.31 32.37
C TYR D 144 -39.76 36.54 32.43
N PRO D 145 -38.97 36.17 31.41
CA PRO D 145 -39.33 35.47 30.15
C PRO D 145 -39.88 34.08 30.39
N GLY D 146 -40.54 33.51 29.37
CA GLY D 146 -41.14 32.18 29.42
C GLY D 146 -40.19 31.01 29.28
N ALA D 147 -39.25 30.85 30.24
CA ALA D 147 -38.25 29.76 30.29
C ALA D 147 -37.91 29.42 31.73
N VAL D 148 -38.17 28.17 32.15
CA VAL D 148 -37.88 27.67 33.50
C VAL D 148 -37.30 26.30 33.43
N THR D 149 -36.64 25.88 34.52
CA THR D 149 -36.16 24.51 34.72
C THR D 149 -36.72 24.07 36.08
N VAL D 150 -37.27 22.86 36.11
CA VAL D 150 -37.90 22.32 37.30
C VAL D 150 -37.10 21.14 37.79
N ALA D 151 -36.71 21.15 39.07
CA ALA D 151 -36.02 20.04 39.74
C ALA D 151 -36.86 19.60 40.93
N TRP D 152 -37.03 18.29 41.09
CA TRP D 152 -37.75 17.74 42.24
C TRP D 152 -36.77 17.12 43.22
N LYS D 153 -37.07 17.22 44.51
CA LYS D 153 -36.23 16.65 45.56
C LYS D 153 -37.11 15.79 46.50
N ALA D 154 -36.59 14.63 46.97
CA ALA D 154 -37.23 13.75 47.97
C ALA D 154 -36.20 13.73 49.11
N ASP D 155 -36.49 14.45 50.22
CA ASP D 155 -35.54 14.60 51.33
C ASP D 155 -34.16 15.10 50.86
N SER D 156 -34.16 16.15 50.00
CA SER D 156 -32.99 16.83 49.43
C SER D 156 -32.25 16.05 48.34
N SER D 157 -32.70 14.84 47.98
CA SER D 157 -32.04 14.07 46.93
C SER D 157 -32.76 14.30 45.61
N PRO D 158 -32.00 14.51 44.51
CA PRO D 158 -32.64 14.74 43.21
C PRO D 158 -33.51 13.57 42.77
N VAL D 159 -34.72 13.87 42.29
CA VAL D 159 -35.64 12.88 41.79
C VAL D 159 -35.42 12.80 40.25
N LYS D 160 -35.17 11.62 39.71
CA LYS D 160 -34.97 11.57 38.27
C LYS D 160 -36.21 11.02 37.58
N ALA D 161 -36.73 9.92 38.09
CA ALA D 161 -37.87 9.23 37.49
C ALA D 161 -39.21 9.82 37.87
N GLY D 162 -40.21 9.63 37.00
CA GLY D 162 -41.59 10.04 37.18
C GLY D 162 -41.96 11.50 37.01
N VAL D 163 -41.00 12.31 36.53
CA VAL D 163 -41.20 13.74 36.32
C VAL D 163 -41.69 14.01 34.89
N GLU D 164 -42.77 14.81 34.77
CA GLU D 164 -43.33 15.26 33.49
C GLU D 164 -43.66 16.74 33.60
N THR D 165 -42.95 17.58 32.81
CA THR D 165 -43.07 19.04 32.84
C THR D 165 -43.54 19.55 31.50
N THR D 166 -44.48 20.51 31.51
CA THR D 166 -45.00 21.10 30.26
C THR D 166 -44.01 22.14 29.74
N THR D 167 -44.18 22.53 28.48
CA THR D 167 -43.45 23.65 27.90
C THR D 167 -44.16 24.91 28.48
N PRO D 168 -43.51 26.08 28.61
CA PRO D 168 -44.25 27.25 29.11
C PRO D 168 -45.28 27.72 28.07
N SER D 169 -46.44 28.22 28.54
CA SER D 169 -47.47 28.74 27.61
C SER D 169 -47.83 30.14 28.04
N LYS D 170 -48.06 31.04 27.07
CA LYS D 170 -48.37 32.44 27.35
C LYS D 170 -49.76 32.64 27.94
N GLN D 171 -49.84 33.44 29.01
CA GLN D 171 -51.09 33.79 29.70
C GLN D 171 -51.70 35.05 29.05
N SER D 172 -52.90 35.45 29.50
CA SER D 172 -53.54 36.68 29.02
C SER D 172 -52.67 37.94 29.24
N ASN D 173 -51.96 38.01 30.39
CA ASN D 173 -51.10 39.16 30.76
C ASN D 173 -49.71 39.14 30.12
N ASN D 174 -49.50 38.24 29.13
CA ASN D 174 -48.23 38.07 28.40
C ASN D 174 -47.10 37.50 29.29
N LYS D 175 -47.45 37.06 30.51
CA LYS D 175 -46.52 36.31 31.39
C LYS D 175 -46.78 34.83 31.08
N TYR D 176 -45.99 33.93 31.69
CA TYR D 176 -46.08 32.51 31.33
C TYR D 176 -46.46 31.59 32.46
N ALA D 177 -47.00 30.42 32.09
CA ALA D 177 -47.39 29.38 33.02
C ALA D 177 -46.86 28.03 32.57
N ALA D 178 -46.56 27.17 33.53
CA ALA D 178 -46.13 25.80 33.26
C ALA D 178 -46.56 24.92 34.43
N SER D 179 -46.51 23.60 34.26
CA SER D 179 -46.81 22.67 35.34
C SER D 179 -45.91 21.46 35.26
N SER D 180 -45.58 20.91 36.43
CA SER D 180 -44.74 19.72 36.54
C SER D 180 -45.45 18.73 37.45
N TYR D 181 -45.42 17.48 37.03
CA TYR D 181 -46.06 16.37 37.74
C TYR D 181 -45.04 15.34 38.16
N LEU D 182 -45.07 14.93 39.43
CA LEU D 182 -44.23 13.88 39.93
C LEU D 182 -45.13 12.69 40.31
N SER D 183 -45.07 11.61 39.51
CA SER D 183 -45.86 10.39 39.73
C SER D 183 -45.04 9.42 40.61
N LEU D 184 -45.62 9.04 41.74
CA LEU D 184 -45.04 8.15 42.75
C LEU D 184 -46.02 7.06 43.12
N THR D 185 -45.52 6.02 43.80
CA THR D 185 -46.39 4.99 44.36
C THR D 185 -46.67 5.51 45.78
N PRO D 186 -47.77 5.10 46.45
CA PRO D 186 -47.95 5.52 47.86
C PRO D 186 -46.77 5.17 48.79
N GLU D 187 -46.09 4.04 48.53
CA GLU D 187 -44.95 3.61 49.32
C GLU D 187 -43.79 4.63 49.22
N GLN D 188 -43.40 5.04 47.98
CA GLN D 188 -42.36 6.06 47.70
C GLN D 188 -42.74 7.35 48.45
N TRP D 189 -43.98 7.80 48.26
CA TRP D 189 -44.54 8.98 48.90
C TRP D 189 -44.37 8.97 50.43
N LYS D 190 -44.80 7.89 51.13
CA LYS D 190 -44.74 7.75 52.60
C LYS D 190 -43.33 7.47 53.14
N SER D 191 -42.34 7.24 52.27
CA SER D 191 -40.98 6.90 52.70
C SER D 191 -40.04 8.12 52.96
N HIS D 192 -40.56 9.34 52.80
CA HIS D 192 -39.82 10.59 52.95
C HIS D 192 -40.53 11.59 53.86
N ARG D 193 -39.76 12.46 54.49
CA ARG D 193 -40.32 13.51 55.37
C ARG D 193 -40.85 14.68 54.57
N SER D 194 -40.26 14.91 53.38
CA SER D 194 -40.68 15.98 52.50
C SER D 194 -40.27 15.79 51.03
N TYR D 195 -41.03 16.42 50.16
CA TYR D 195 -40.80 16.53 48.73
C TYR D 195 -40.74 18.02 48.35
N SER D 196 -39.88 18.41 47.40
CA SER D 196 -39.79 19.81 46.98
C SER D 196 -39.86 19.98 45.48
N CYS D 197 -40.62 20.97 45.02
CA CYS D 197 -40.63 21.35 43.63
C CYS D 197 -39.80 22.66 43.61
N GLN D 198 -38.68 22.65 42.88
CA GLN D 198 -37.76 23.80 42.81
C GLN D 198 -37.75 24.33 41.40
N VAL D 199 -38.12 25.59 41.25
CA VAL D 199 -38.26 26.22 39.94
C VAL D 199 -37.18 27.29 39.77
N THR D 200 -36.28 27.08 38.81
CA THR D 200 -35.19 28.02 38.50
C THR D 200 -35.59 28.88 37.30
N HIS D 201 -35.51 30.20 37.52
CA HIS D 201 -35.86 31.18 36.52
C HIS D 201 -34.83 32.30 36.59
N GLU D 202 -34.16 32.56 35.46
CA GLU D 202 -33.12 33.58 35.33
C GLU D 202 -32.06 33.47 36.44
N GLY D 203 -31.63 32.24 36.72
CA GLY D 203 -30.64 31.95 37.74
C GLY D 203 -31.09 31.98 39.18
N SER D 204 -32.36 32.31 39.47
CA SER D 204 -32.87 32.30 40.88
C SER D 204 -33.94 31.20 41.04
N THR D 205 -33.89 30.48 42.20
CA THR D 205 -34.76 29.34 42.49
C THR D 205 -35.88 29.66 43.52
N VAL D 206 -37.12 29.33 43.13
CA VAL D 206 -38.35 29.44 43.94
C VAL D 206 -38.73 28.00 44.29
N GLU D 207 -38.89 27.69 45.58
CA GLU D 207 -39.27 26.32 45.93
C GLU D 207 -40.47 26.22 46.87
N LYS D 208 -41.20 25.11 46.74
CA LYS D 208 -42.31 24.79 47.63
C LYS D 208 -42.10 23.36 48.12
N THR D 209 -42.52 23.07 49.34
CA THR D 209 -42.34 21.78 49.97
C THR D 209 -43.67 21.23 50.53
N VAL D 210 -43.87 19.92 50.39
CA VAL D 210 -45.00 19.18 50.94
C VAL D 210 -44.51 18.00 51.77
N ALA D 211 -45.27 17.67 52.83
CA ALA D 211 -44.94 16.59 53.73
C ALA D 211 -46.06 15.55 53.82
N PRO D 212 -45.73 14.24 53.74
CA PRO D 212 -46.78 13.21 53.88
C PRO D 212 -47.59 13.25 55.17
N THR D 213 -46.97 13.66 56.30
CA THR D 213 -47.67 13.71 57.60
C THR D 213 -48.27 15.10 57.95
N GLU D 214 -48.12 16.09 57.06
CA GLU D 214 -48.66 17.45 57.26
C GLU D 214 -49.92 17.71 56.44
N GLN E 1 44.92 -7.21 -9.95
CA GLN E 1 45.10 -8.47 -9.23
C GLN E 1 43.79 -8.94 -8.55
N VAL E 2 42.64 -8.83 -9.29
CA VAL E 2 41.35 -9.36 -8.81
C VAL E 2 41.52 -10.89 -8.76
N GLN E 3 41.29 -11.47 -7.57
CA GLN E 3 41.45 -12.91 -7.40
C GLN E 3 40.31 -13.48 -6.61
N LEU E 4 39.83 -14.67 -6.99
CA LEU E 4 38.76 -15.39 -6.29
C LEU E 4 39.20 -16.83 -6.16
N VAL E 5 39.52 -17.24 -4.95
CA VAL E 5 40.06 -18.58 -4.70
C VAL E 5 39.05 -19.44 -3.93
N GLU E 6 38.44 -20.42 -4.64
CA GLU E 6 37.46 -21.31 -4.04
C GLU E 6 38.13 -22.52 -3.39
N SER E 7 37.54 -22.98 -2.28
CA SER E 7 38.01 -24.17 -1.57
C SER E 7 36.82 -24.81 -0.90
N GLY E 8 37.02 -26.02 -0.42
CA GLY E 8 36.00 -26.75 0.31
C GLY E 8 35.31 -27.89 -0.41
N GLY E 9 35.55 -28.01 -1.73
CA GLY E 9 34.97 -29.06 -2.54
C GLY E 9 35.55 -30.44 -2.18
N GLY E 10 34.96 -31.47 -2.72
CA GLY E 10 35.42 -32.83 -2.46
C GLY E 10 34.30 -33.84 -2.56
N LEU E 11 34.50 -34.98 -1.92
CA LEU E 11 33.54 -36.08 -1.92
C LEU E 11 32.59 -35.99 -0.75
N VAL E 12 31.31 -36.21 -1.06
CA VAL E 12 30.21 -36.20 -0.13
C VAL E 12 29.19 -37.25 -0.57
N GLN E 13 28.71 -38.08 0.36
CA GLN E 13 27.71 -39.08 0.03
C GLN E 13 26.34 -38.42 -0.15
N PRO E 14 25.39 -38.97 -0.95
CA PRO E 14 24.07 -38.32 -1.06
C PRO E 14 23.41 -38.16 0.32
N GLY E 15 22.75 -37.02 0.54
CA GLY E 15 22.13 -36.65 1.80
C GLY E 15 23.10 -35.88 2.68
N GLY E 16 24.38 -35.88 2.32
CA GLY E 16 25.45 -35.21 3.06
C GLY E 16 25.52 -33.70 2.91
N SER E 17 26.52 -33.11 3.59
CA SER E 17 26.76 -31.68 3.65
C SER E 17 28.21 -31.32 3.30
N LEU E 18 28.39 -30.09 2.78
CA LEU E 18 29.69 -29.52 2.41
C LEU E 18 29.61 -27.99 2.54
N ARG E 19 30.71 -27.36 2.97
CA ARG E 19 30.82 -25.92 3.08
C ARG E 19 31.91 -25.40 2.13
N LEU E 20 31.51 -24.58 1.16
CA LEU E 20 32.45 -23.98 0.21
C LEU E 20 32.82 -22.59 0.70
N SER E 21 34.05 -22.19 0.42
CA SER E 21 34.64 -20.90 0.76
C SER E 21 35.26 -20.29 -0.47
N CYS E 22 35.23 -18.96 -0.55
CA CYS E 22 35.85 -18.22 -1.63
C CYS E 22 36.60 -17.04 -1.03
N ALA E 23 37.92 -17.03 -1.15
CA ALA E 23 38.78 -15.96 -0.63
C ALA E 23 38.98 -14.95 -1.75
N ALA E 24 38.51 -13.71 -1.55
CA ALA E 24 38.59 -12.65 -2.55
C ALA E 24 39.70 -11.66 -2.23
N SER E 25 40.36 -11.11 -3.28
CA SER E 25 41.38 -10.08 -3.11
C SER E 25 41.50 -9.27 -4.38
N GLY E 26 42.14 -8.10 -4.27
CA GLY E 26 42.40 -7.22 -5.39
C GLY E 26 41.29 -6.27 -5.75
N PHE E 27 40.26 -6.17 -4.91
CA PHE E 27 39.12 -5.26 -5.10
C PHE E 27 38.50 -5.04 -3.74
N THR E 28 37.65 -4.01 -3.59
CA THR E 28 36.98 -3.75 -2.30
C THR E 28 35.80 -4.72 -2.26
N PHE E 29 35.98 -5.84 -1.54
CA PHE E 29 35.03 -6.92 -1.39
C PHE E 29 33.62 -6.47 -1.03
N ASP E 30 33.48 -5.63 0.01
CA ASP E 30 32.16 -5.19 0.48
C ASP E 30 31.48 -4.15 -0.42
N ASP E 31 32.09 -3.80 -1.56
CA ASP E 31 31.46 -2.91 -2.55
C ASP E 31 30.61 -3.75 -3.55
N TYR E 32 30.76 -5.08 -3.53
CA TYR E 32 30.11 -5.91 -4.53
C TYR E 32 29.29 -7.05 -4.02
N ALA E 33 28.15 -7.29 -4.71
CA ALA E 33 27.36 -8.51 -4.52
C ALA E 33 28.26 -9.66 -5.05
N MET E 34 28.11 -10.87 -4.47
CA MET E 34 28.91 -12.04 -4.84
C MET E 34 27.98 -13.20 -5.11
N SER E 35 28.44 -14.16 -5.95
CA SER E 35 27.59 -15.30 -6.32
C SER E 35 28.31 -16.63 -6.45
N TRP E 36 27.50 -17.71 -6.56
CA TRP E 36 27.93 -19.07 -6.87
C TRP E 36 27.19 -19.49 -8.14
N VAL E 37 27.94 -20.01 -9.12
CA VAL E 37 27.44 -20.49 -10.41
C VAL E 37 28.14 -21.84 -10.57
N ARG E 38 27.41 -22.90 -10.97
CA ARG E 38 28.02 -24.23 -11.10
C ARG E 38 27.98 -24.76 -12.53
N GLN E 39 28.84 -25.72 -12.80
CA GLN E 39 28.97 -26.34 -14.11
C GLN E 39 29.19 -27.83 -13.93
N ALA E 40 28.17 -28.61 -14.28
CA ALA E 40 28.20 -30.05 -14.17
C ALA E 40 29.12 -30.65 -15.27
N PRO E 41 29.75 -31.83 -15.03
CA PRO E 41 30.66 -32.42 -16.05
C PRO E 41 30.05 -32.49 -17.45
N GLY E 42 30.75 -31.90 -18.42
CA GLY E 42 30.33 -31.84 -19.82
C GLY E 42 29.04 -31.07 -20.07
N LYS E 43 28.62 -30.23 -19.08
CA LYS E 43 27.38 -29.46 -19.14
C LYS E 43 27.63 -27.96 -19.13
N GLY E 44 26.55 -27.19 -19.27
CA GLY E 44 26.58 -25.74 -19.29
C GLY E 44 26.62 -25.12 -17.88
N LEU E 45 26.29 -23.83 -17.81
CA LEU E 45 26.33 -23.07 -16.56
C LEU E 45 24.95 -23.00 -15.92
N GLU E 46 24.92 -22.99 -14.58
CA GLU E 46 23.69 -22.94 -13.81
C GLU E 46 23.88 -22.04 -12.59
N TRP E 47 23.07 -20.97 -12.51
CA TRP E 47 23.09 -20.05 -11.35
C TRP E 47 22.65 -20.80 -10.09
N VAL E 48 23.37 -20.59 -8.98
CA VAL E 48 23.04 -21.22 -7.70
C VAL E 48 22.45 -20.17 -6.74
N SER E 49 23.24 -19.13 -6.45
CA SER E 49 22.83 -18.14 -5.46
C SER E 49 23.63 -16.82 -5.59
N GLY E 50 23.04 -15.74 -5.09
CA GLY E 50 23.63 -14.41 -5.02
C GLY E 50 23.40 -13.78 -3.64
N ILE E 51 24.36 -12.96 -3.19
CA ILE E 51 24.27 -12.25 -1.88
C ILE E 51 24.66 -10.79 -2.08
N SER E 52 23.92 -9.85 -1.47
CA SER E 52 24.21 -8.43 -1.62
C SER E 52 25.57 -8.04 -1.02
N TRP E 53 26.10 -6.89 -1.40
CA TRP E 53 27.35 -6.31 -0.92
C TRP E 53 27.50 -6.34 0.61
N ASN E 54 26.43 -6.02 1.39
CA ASN E 54 26.47 -6.03 2.87
C ASN E 54 25.94 -7.34 3.47
N GLY E 55 25.53 -8.28 2.63
CA GLY E 55 24.97 -9.56 3.07
C GLY E 55 23.55 -9.50 3.62
N GLY E 56 22.89 -8.37 3.47
CA GLY E 56 21.53 -8.16 3.95
C GLY E 56 20.45 -8.85 3.14
N SER E 57 20.74 -9.19 1.87
CA SER E 57 19.80 -9.86 0.94
C SER E 57 20.47 -11.04 0.25
N THR E 58 19.76 -12.18 0.21
CA THR E 58 20.21 -13.42 -0.45
C THR E 58 19.16 -13.89 -1.45
N TYR E 59 19.61 -14.52 -2.54
CA TYR E 59 18.75 -14.99 -3.64
C TYR E 59 19.20 -16.38 -4.05
N TYR E 60 18.26 -17.25 -4.40
CA TYR E 60 18.58 -18.63 -4.77
C TYR E 60 17.80 -19.09 -5.97
N ALA E 61 18.36 -20.06 -6.69
CA ALA E 61 17.66 -20.78 -7.72
C ALA E 61 16.65 -21.68 -6.97
N GLU E 62 15.45 -21.90 -7.56
CA GLU E 62 14.40 -22.71 -6.93
C GLU E 62 14.86 -24.11 -6.43
N SER E 63 15.67 -24.84 -7.24
CA SER E 63 16.20 -26.19 -6.95
C SER E 63 17.15 -26.21 -5.77
N MET E 64 17.59 -25.03 -5.31
CA MET E 64 18.59 -25.01 -4.24
C MET E 64 18.16 -24.26 -2.96
N LYS E 65 16.96 -23.67 -2.98
CA LYS E 65 16.36 -22.98 -1.83
C LYS E 65 16.20 -23.96 -0.67
N GLY E 66 16.41 -23.47 0.55
CA GLY E 66 16.27 -24.29 1.75
C GLY E 66 17.47 -25.17 2.04
N ARG E 67 17.96 -25.92 1.04
CA ARG E 67 19.13 -26.82 1.15
C ARG E 67 20.42 -26.01 1.26
N PHE E 68 20.59 -24.99 0.36
CA PHE E 68 21.81 -24.21 0.30
C PHE E 68 21.66 -22.85 0.98
N THR E 69 22.73 -22.37 1.62
CA THR E 69 22.74 -21.07 2.28
C THR E 69 24.02 -20.34 1.90
N ILE E 70 23.85 -19.17 1.31
CA ILE E 70 24.96 -18.30 0.94
C ILE E 70 25.16 -17.32 2.08
N SER E 71 26.42 -16.97 2.37
CA SER E 71 26.74 -16.00 3.43
C SER E 71 28.09 -15.40 3.08
N ARG E 72 28.45 -14.31 3.75
CA ARG E 72 29.74 -13.67 3.51
C ARG E 72 30.28 -13.08 4.80
N ASP E 73 31.61 -12.98 4.89
CA ASP E 73 32.25 -12.33 6.02
C ASP E 73 33.07 -11.19 5.41
N ASN E 74 32.57 -9.97 5.54
CA ASN E 74 33.20 -8.78 4.99
C ASN E 74 34.49 -8.38 5.71
N ALA E 75 34.68 -8.77 6.98
CA ALA E 75 35.93 -8.48 7.70
C ALA E 75 37.05 -9.41 7.23
N LYS E 76 36.69 -10.58 6.67
CA LYS E 76 37.62 -11.60 6.18
C LYS E 76 37.66 -11.74 4.65
N ASN E 77 36.90 -10.91 3.89
CA ASN E 77 36.84 -10.94 2.42
C ASN E 77 36.57 -12.37 1.90
N THR E 78 35.60 -13.06 2.54
CA THR E 78 35.28 -14.43 2.23
C THR E 78 33.79 -14.64 1.98
N LEU E 79 33.49 -15.42 0.95
CA LEU E 79 32.13 -15.80 0.57
C LEU E 79 31.99 -17.29 0.91
N TYR E 80 30.83 -17.70 1.41
CA TYR E 80 30.56 -19.09 1.75
C TYR E 80 29.33 -19.66 1.07
N LEU E 81 29.30 -20.99 0.90
CA LEU E 81 28.15 -21.73 0.45
C LEU E 81 27.99 -22.98 1.32
N GLN E 82 26.99 -22.97 2.20
CA GLN E 82 26.67 -24.12 3.04
C GLN E 82 25.68 -24.97 2.22
N MET E 83 26.11 -26.18 1.86
CA MET E 83 25.29 -27.10 1.06
C MET E 83 24.85 -28.26 1.94
N ASN E 84 23.54 -28.45 2.11
CA ASN E 84 22.98 -29.57 2.88
C ASN E 84 22.12 -30.40 1.95
N SER E 85 21.74 -31.62 2.38
CA SER E 85 20.87 -32.55 1.63
C SER E 85 21.33 -32.70 0.17
N LEU E 86 22.63 -32.93 -0.02
CA LEU E 86 23.23 -33.02 -1.34
C LEU E 86 22.73 -34.22 -2.11
N LYS E 87 22.59 -34.06 -3.42
CA LYS E 87 22.15 -35.11 -4.34
C LYS E 87 23.19 -35.27 -5.44
N SER E 88 23.14 -36.43 -6.13
CA SER E 88 23.98 -36.82 -7.26
C SER E 88 24.07 -35.73 -8.36
N GLU E 89 22.96 -35.02 -8.62
CA GLU E 89 22.82 -33.95 -9.63
C GLU E 89 23.53 -32.66 -9.20
N ASP E 90 23.92 -32.56 -7.91
CA ASP E 90 24.67 -31.39 -7.42
C ASP E 90 26.15 -31.51 -7.74
N THR E 91 26.61 -32.66 -8.28
CA THR E 91 28.01 -32.90 -8.72
C THR E 91 28.30 -31.87 -9.81
N ALA E 92 29.30 -31.00 -9.59
CA ALA E 92 29.68 -29.91 -10.50
C ALA E 92 30.92 -29.21 -9.98
N VAL E 93 31.48 -28.34 -10.81
CA VAL E 93 32.52 -27.40 -10.45
C VAL E 93 31.71 -26.18 -9.99
N TYR E 94 32.00 -25.66 -8.79
CA TYR E 94 31.31 -24.49 -8.24
C TYR E 94 32.23 -23.29 -8.34
N TYR E 95 31.81 -22.28 -9.10
CA TYR E 95 32.52 -21.02 -9.29
C TYR E 95 32.00 -19.92 -8.39
N CYS E 96 32.93 -19.17 -7.78
CA CYS E 96 32.70 -17.93 -7.02
C CYS E 96 32.74 -16.85 -8.11
N ALA E 97 31.74 -15.93 -8.14
CA ALA E 97 31.68 -14.89 -9.18
C ALA E 97 31.32 -13.53 -8.65
N LYS E 98 32.07 -12.51 -9.10
CA LYS E 98 31.89 -11.13 -8.66
C LYS E 98 30.90 -10.43 -9.58
N ASP E 99 30.05 -9.59 -9.01
CA ASP E 99 29.11 -8.75 -9.76
C ASP E 99 29.89 -7.67 -10.47
N ARG E 100 29.52 -7.42 -11.73
CA ARG E 100 30.09 -6.30 -12.50
C ARG E 100 29.57 -4.97 -11.90
N ASN E 101 28.33 -4.94 -11.43
CA ASN E 101 27.71 -3.74 -10.85
C ASN E 101 28.28 -3.42 -9.47
N LEU E 102 28.50 -2.14 -9.18
CA LEU E 102 28.94 -1.74 -7.85
C LEU E 102 27.69 -1.56 -6.96
N GLY E 103 27.76 -2.18 -5.78
CA GLY E 103 26.77 -2.07 -4.70
C GLY E 103 25.37 -2.55 -4.96
N TYR E 104 25.22 -3.60 -5.78
CA TYR E 104 23.92 -4.19 -6.11
C TYR E 104 23.58 -5.37 -5.18
N ARG E 105 22.37 -5.95 -5.32
CA ARG E 105 21.92 -7.02 -4.44
C ARG E 105 21.96 -8.44 -4.99
N LEU E 106 21.55 -8.66 -6.27
CA LEU E 106 21.45 -10.01 -6.84
C LEU E 106 22.79 -10.63 -7.29
N GLY E 107 23.72 -9.82 -7.80
CA GLY E 107 25.05 -10.30 -8.18
C GLY E 107 25.30 -10.46 -9.65
N TYR E 108 24.26 -10.25 -10.47
CA TYR E 108 24.25 -10.41 -11.94
C TYR E 108 24.56 -9.09 -12.69
N PRO E 109 25.40 -9.03 -13.78
CA PRO E 109 26.18 -10.11 -14.42
C PRO E 109 27.54 -10.35 -13.75
N TYR E 110 28.28 -11.34 -14.24
CA TYR E 110 29.53 -11.84 -13.61
C TYR E 110 30.81 -11.40 -14.32
N ASP E 111 31.48 -10.35 -13.78
CA ASP E 111 32.68 -9.80 -14.46
C ASP E 111 33.96 -10.53 -14.11
N TYR E 112 33.95 -11.31 -13.03
CA TYR E 112 35.13 -12.09 -12.68
C TYR E 112 34.74 -13.40 -12.03
N TRP E 113 35.38 -14.50 -12.46
CA TRP E 113 35.08 -15.85 -11.98
C TRP E 113 36.34 -16.51 -11.46
N GLY E 114 36.26 -17.24 -10.36
CA GLY E 114 37.41 -17.99 -9.86
C GLY E 114 37.60 -19.25 -10.68
N GLN E 115 38.62 -20.07 -10.41
CA GLN E 115 38.85 -21.31 -11.16
C GLN E 115 37.85 -22.41 -10.81
N GLY E 116 37.17 -22.28 -9.69
CA GLY E 116 36.15 -23.23 -9.26
C GLY E 116 36.66 -24.32 -8.33
N THR E 117 35.75 -24.90 -7.55
CA THR E 117 36.03 -26.02 -6.65
C THR E 117 35.12 -27.19 -7.03
N GLN E 118 35.70 -28.38 -7.14
CA GLN E 118 34.98 -29.57 -7.56
C GLN E 118 34.24 -30.26 -6.44
N VAL E 119 32.94 -30.44 -6.65
CA VAL E 119 32.07 -31.13 -5.70
C VAL E 119 31.61 -32.41 -6.40
N THR E 120 31.84 -33.57 -5.74
CA THR E 120 31.39 -34.89 -6.22
C THR E 120 30.46 -35.52 -5.20
N VAL E 121 29.19 -35.72 -5.60
CA VAL E 121 28.20 -36.37 -4.75
C VAL E 121 28.04 -37.81 -5.21
N SER E 122 28.57 -38.74 -4.40
CA SER E 122 28.56 -40.16 -4.70
C SER E 122 28.63 -41.02 -3.43
N SER E 123 28.13 -42.26 -3.51
N SER E 123 28.13 -42.26 -3.50
CA SER E 123 28.17 -43.22 -2.40
CA SER E 123 28.18 -43.21 -2.37
C SER E 123 29.52 -43.97 -2.34
C SER E 123 29.52 -43.97 -2.34
N ALA E 124 30.37 -43.79 -3.38
CA ALA E 124 31.69 -44.44 -3.46
C ALA E 124 32.67 -43.86 -2.43
N SER E 125 33.62 -44.67 -1.99
CA SER E 125 34.62 -44.31 -0.99
C SER E 125 35.78 -43.54 -1.61
N THR E 126 36.43 -42.65 -0.83
CA THR E 126 37.60 -41.92 -1.31
C THR E 126 38.80 -42.89 -1.35
N LYS E 127 39.71 -42.66 -2.30
CA LYS E 127 40.91 -43.46 -2.49
C LYS E 127 42.07 -42.55 -2.87
N GLY E 128 43.11 -42.53 -2.03
CA GLY E 128 44.32 -41.74 -2.27
C GLY E 128 45.14 -42.28 -3.42
N PRO E 129 45.84 -41.47 -4.26
CA PRO E 129 46.63 -42.09 -5.34
C PRO E 129 47.96 -42.66 -4.86
N SER E 130 48.56 -43.50 -5.69
CA SER E 130 49.93 -43.97 -5.56
C SER E 130 50.67 -43.08 -6.55
N VAL E 131 51.80 -42.49 -6.14
CA VAL E 131 52.56 -41.62 -7.00
C VAL E 131 53.90 -42.28 -7.40
N PHE E 132 54.18 -42.31 -8.69
CA PHE E 132 55.39 -42.92 -9.23
C PHE E 132 56.15 -41.97 -10.11
N PRO E 133 57.50 -41.97 -10.07
CA PRO E 133 58.25 -41.06 -10.97
C PRO E 133 58.27 -41.60 -12.40
N LEU E 134 58.27 -40.68 -13.38
CA LEU E 134 58.39 -41.00 -14.80
C LEU E 134 59.73 -40.37 -15.19
N ALA E 135 60.78 -41.18 -15.03
CA ALA E 135 62.17 -40.74 -15.24
C ALA E 135 62.43 -40.27 -16.66
N PRO E 136 63.28 -39.22 -16.84
CA PRO E 136 63.61 -38.80 -18.20
C PRO E 136 64.36 -39.91 -18.96
N SER E 137 64.08 -40.06 -20.26
CA SER E 137 64.72 -41.03 -21.15
C SER E 137 66.27 -40.90 -21.13
N SER E 138 66.96 -42.04 -21.17
CA SER E 138 68.43 -42.11 -21.17
C SER E 138 68.97 -41.68 -22.52
N LYS E 139 68.11 -41.61 -23.54
CA LYS E 139 68.51 -41.26 -24.90
C LYS E 139 68.66 -39.76 -25.12
N SER E 140 69.74 -39.37 -25.84
CA SER E 140 70.04 -37.99 -26.19
C SER E 140 69.12 -37.46 -27.31
N THR E 141 68.72 -36.17 -27.20
CA THR E 141 67.86 -35.46 -28.15
C THR E 141 68.65 -34.30 -28.78
N SER E 142 68.41 -34.01 -30.07
CA SER E 142 69.08 -32.91 -30.77
C SER E 142 68.44 -31.55 -30.42
N GLY E 143 67.16 -31.59 -30.03
CA GLY E 143 66.35 -30.44 -29.64
C GLY E 143 66.69 -29.87 -28.27
N GLY E 144 67.49 -30.58 -27.49
CA GLY E 144 67.94 -30.14 -26.18
C GLY E 144 66.92 -30.18 -25.04
N THR E 145 65.82 -30.93 -25.23
CA THR E 145 64.79 -31.06 -24.21
C THR E 145 64.67 -32.52 -23.74
N ALA E 146 64.13 -32.66 -22.53
CA ALA E 146 63.85 -33.92 -21.87
C ALA E 146 62.44 -33.84 -21.27
N ALA E 147 61.70 -34.93 -21.37
CA ALA E 147 60.40 -35.04 -20.74
C ALA E 147 60.53 -35.93 -19.50
N LEU E 148 60.03 -35.44 -18.37
CA LEU E 148 60.02 -36.25 -17.15
C LEU E 148 58.74 -35.95 -16.44
N GLY E 149 58.29 -36.82 -15.56
CA GLY E 149 57.03 -36.52 -14.90
C GLY E 149 56.66 -37.39 -13.74
N CYS E 150 55.38 -37.37 -13.41
N CYS E 150 55.39 -37.39 -13.36
CA CYS E 150 54.84 -38.18 -12.31
CA CYS E 150 54.94 -38.28 -12.29
C CYS E 150 53.55 -38.84 -12.73
C CYS E 150 53.54 -38.80 -12.55
N LEU E 151 53.41 -40.11 -12.35
CA LEU E 151 52.20 -40.89 -12.59
C LEU E 151 51.39 -40.87 -11.28
N VAL E 152 50.16 -40.36 -11.35
CA VAL E 152 49.25 -40.25 -10.21
C VAL E 152 48.17 -41.31 -10.43
N LYS E 153 48.37 -42.47 -9.82
CA LYS E 153 47.56 -43.64 -10.08
C LYS E 153 46.50 -44.01 -9.04
N ASP E 154 45.32 -44.41 -9.58
CA ASP E 154 44.19 -45.02 -8.87
C ASP E 154 43.63 -44.20 -7.71
N TYR E 155 43.06 -43.03 -8.04
CA TYR E 155 42.44 -42.19 -7.03
C TYR E 155 40.94 -41.97 -7.31
N PHE E 156 40.23 -41.51 -6.30
CA PHE E 156 38.81 -41.17 -6.40
C PHE E 156 38.44 -40.21 -5.27
N PRO E 157 37.67 -39.14 -5.55
CA PRO E 157 37.19 -38.69 -6.86
C PRO E 157 38.24 -37.72 -7.44
N GLU E 158 37.87 -37.05 -8.53
CA GLU E 158 38.66 -35.94 -9.05
C GLU E 158 38.46 -34.77 -8.06
N PRO E 159 39.40 -33.82 -7.94
CA PRO E 159 40.64 -33.67 -8.70
C PRO E 159 41.89 -33.94 -7.87
N VAL E 160 43.03 -33.95 -8.55
CA VAL E 160 44.36 -33.99 -7.91
C VAL E 160 45.07 -32.78 -8.47
N THR E 161 45.90 -32.16 -7.68
CA THR E 161 46.69 -31.04 -8.17
C THR E 161 48.14 -31.50 -8.15
N VAL E 162 48.89 -31.06 -9.15
CA VAL E 162 50.30 -31.38 -9.25
C VAL E 162 51.07 -30.09 -9.47
N SER E 163 52.03 -29.82 -8.60
CA SER E 163 52.93 -28.70 -8.80
C SER E 163 54.35 -29.29 -8.90
N TRP E 164 55.30 -28.49 -9.41
CA TRP E 164 56.68 -28.91 -9.54
C TRP E 164 57.57 -27.98 -8.75
N ASN E 165 58.47 -28.55 -7.93
CA ASN E 165 59.38 -27.81 -7.06
C ASN E 165 58.66 -26.78 -6.18
N SER E 166 57.53 -27.21 -5.57
CA SER E 166 56.66 -26.40 -4.71
C SER E 166 56.14 -25.12 -5.40
N GLY E 167 55.90 -25.22 -6.71
CA GLY E 167 55.39 -24.12 -7.51
C GLY E 167 56.46 -23.21 -8.10
N ALA E 168 57.75 -23.51 -7.81
CA ALA E 168 58.86 -22.74 -8.37
C ALA E 168 58.98 -22.99 -9.88
N LEU E 169 58.51 -24.15 -10.37
CA LEU E 169 58.56 -24.46 -11.81
C LEU E 169 57.16 -24.61 -12.37
N THR E 170 56.76 -23.69 -13.26
CA THR E 170 55.44 -23.72 -13.91
C THR E 170 55.55 -23.80 -15.43
N SER E 171 56.59 -23.19 -16.00
CA SER E 171 56.81 -23.21 -17.45
C SER E 171 57.13 -24.62 -17.94
N GLY E 172 56.43 -25.05 -18.98
CA GLY E 172 56.60 -26.38 -19.58
C GLY E 172 55.93 -27.53 -18.86
N VAL E 173 55.07 -27.21 -17.88
CA VAL E 173 54.35 -28.23 -17.10
C VAL E 173 53.05 -28.59 -17.88
N HIS E 174 52.87 -29.87 -18.22
CA HIS E 174 51.65 -30.37 -18.89
C HIS E 174 51.05 -31.47 -18.03
N THR E 175 50.02 -31.11 -17.23
CA THR E 175 49.29 -32.09 -16.43
C THR E 175 48.12 -32.51 -17.29
N PHE E 176 48.12 -33.77 -17.72
CA PHE E 176 47.13 -34.33 -18.61
C PHE E 176 45.80 -34.64 -17.92
N PRO E 177 44.66 -34.44 -18.65
CA PRO E 177 43.36 -34.87 -18.09
C PRO E 177 43.38 -36.35 -17.73
N ALA E 178 42.71 -36.70 -16.61
CA ALA E 178 42.70 -38.06 -16.10
C ALA E 178 41.96 -39.06 -17.00
N VAL E 179 42.36 -40.34 -16.91
CA VAL E 179 41.65 -41.45 -17.54
C VAL E 179 40.77 -42.02 -16.43
N LEU E 180 39.52 -42.39 -16.76
CA LEU E 180 38.63 -43.04 -15.81
C LEU E 180 38.67 -44.52 -16.18
N GLN E 181 39.28 -45.32 -15.30
CA GLN E 181 39.45 -46.74 -15.50
C GLN E 181 38.14 -47.51 -15.21
N SER E 182 38.03 -48.75 -15.72
CA SER E 182 36.84 -49.60 -15.55
C SER E 182 36.57 -49.92 -14.06
N SER E 183 37.61 -49.79 -13.20
CA SER E 183 37.52 -49.98 -11.76
C SER E 183 36.73 -48.82 -11.06
N GLY E 184 36.55 -47.71 -11.77
CA GLY E 184 35.93 -46.50 -11.25
C GLY E 184 36.95 -45.54 -10.66
N LEU E 185 38.24 -45.90 -10.72
CA LEU E 185 39.33 -45.05 -10.22
C LEU E 185 39.97 -44.28 -11.36
N TYR E 186 40.48 -43.09 -11.05
CA TYR E 186 41.17 -42.23 -12.02
C TYR E 186 42.66 -42.39 -11.95
N SER E 187 43.34 -42.08 -13.06
CA SER E 187 44.80 -41.98 -13.13
C SER E 187 45.13 -40.81 -14.05
N LEU E 188 46.17 -40.06 -13.70
CA LEU E 188 46.69 -38.99 -14.56
C LEU E 188 48.20 -38.94 -14.51
N SER E 189 48.78 -38.16 -15.41
CA SER E 189 50.21 -37.93 -15.48
C SER E 189 50.46 -36.45 -15.65
N SER E 190 51.51 -35.97 -15.01
CA SER E 190 51.97 -34.58 -15.13
C SER E 190 53.39 -34.69 -15.67
N VAL E 191 53.63 -34.10 -16.84
CA VAL E 191 54.92 -34.16 -17.55
C VAL E 191 55.49 -32.76 -17.69
N VAL E 192 56.76 -32.58 -17.39
CA VAL E 192 57.43 -31.29 -17.55
C VAL E 192 58.59 -31.46 -18.55
N THR E 193 58.64 -30.56 -19.54
CA THR E 193 59.66 -30.49 -20.60
C THR E 193 60.76 -29.55 -20.10
N VAL E 194 61.94 -30.13 -19.82
CA VAL E 194 63.06 -29.41 -19.22
C VAL E 194 64.30 -29.41 -20.12
N PRO E 195 65.34 -28.55 -19.86
CA PRO E 195 66.57 -28.63 -20.68
C PRO E 195 67.33 -29.93 -20.34
N SER E 196 67.71 -30.70 -21.35
CA SER E 196 68.44 -31.98 -21.16
C SER E 196 69.76 -31.77 -20.42
N SER E 197 70.36 -30.59 -20.62
CA SER E 197 71.61 -30.20 -19.95
C SER E 197 71.44 -30.08 -18.40
N SER E 198 70.19 -29.96 -17.90
N SER E 198 70.18 -29.95 -17.91
CA SER E 198 69.92 -29.81 -16.46
CA SER E 198 69.87 -29.79 -16.48
C SER E 198 69.80 -31.13 -15.68
C SER E 198 69.72 -31.12 -15.70
N LEU E 199 69.66 -32.26 -16.38
CA LEU E 199 69.41 -33.58 -15.76
C LEU E 199 70.43 -34.10 -14.75
N GLY E 200 71.71 -33.88 -14.98
CA GLY E 200 72.70 -34.40 -14.04
C GLY E 200 72.86 -33.65 -12.74
N THR E 201 72.35 -32.38 -12.67
CA THR E 201 72.58 -31.56 -11.47
C THR E 201 71.32 -30.93 -10.86
N GLN E 202 70.27 -30.67 -11.70
CA GLN E 202 69.05 -30.03 -11.19
C GLN E 202 68.07 -31.01 -10.59
N THR E 203 67.33 -30.56 -9.57
CA THR E 203 66.33 -31.33 -8.84
C THR E 203 64.92 -31.01 -9.39
N TYR E 204 64.12 -32.07 -9.65
CA TYR E 204 62.70 -32.01 -10.09
C TYR E 204 61.85 -32.89 -9.16
N ILE E 205 60.96 -32.24 -8.43
CA ILE E 205 60.09 -32.89 -7.45
C ILE E 205 58.65 -32.55 -7.77
N CYS E 206 57.80 -33.58 -7.94
N CYS E 206 57.77 -33.57 -7.92
CA CYS E 206 56.37 -33.29 -8.14
CA CYS E 206 56.35 -33.29 -8.15
C CYS E 206 55.70 -33.29 -6.78
C CYS E 206 55.57 -33.38 -6.84
N ASN E 207 54.80 -32.33 -6.54
CA ASN E 207 54.02 -32.21 -5.29
C ASN E 207 52.59 -32.54 -5.65
N VAL E 208 52.16 -33.74 -5.23
CA VAL E 208 50.83 -34.28 -5.49
C VAL E 208 49.93 -34.03 -4.30
N ASN E 209 48.74 -33.48 -4.55
CA ASN E 209 47.77 -33.23 -3.51
C ASN E 209 46.40 -33.73 -3.93
N HIS E 210 45.88 -34.74 -3.23
CA HIS E 210 44.52 -35.23 -3.45
C HIS E 210 43.77 -34.86 -2.17
N LYS E 211 43.16 -33.67 -2.15
CA LYS E 211 42.43 -33.16 -0.97
C LYS E 211 41.31 -34.11 -0.47
N PRO E 212 40.48 -34.75 -1.35
CA PRO E 212 39.42 -35.64 -0.81
C PRO E 212 39.89 -36.76 0.16
N SER E 213 41.09 -37.31 -0.06
CA SER E 213 41.65 -38.38 0.80
C SER E 213 42.75 -37.86 1.73
N ASN E 214 43.03 -36.54 1.68
CA ASN E 214 44.10 -35.88 2.43
C ASN E 214 45.49 -36.50 2.10
N THR E 215 45.71 -36.81 0.80
CA THR E 215 46.98 -37.40 0.33
C THR E 215 47.91 -36.31 -0.20
N LYS E 216 49.05 -36.14 0.48
CA LYS E 216 50.10 -35.20 0.08
C LYS E 216 51.35 -36.02 -0.11
N VAL E 217 51.87 -36.04 -1.35
CA VAL E 217 53.05 -36.82 -1.72
C VAL E 217 54.01 -35.94 -2.52
N ASP E 218 55.31 -35.94 -2.13
CA ASP E 218 56.40 -35.30 -2.86
C ASP E 218 57.29 -36.40 -3.43
N LYS E 219 57.56 -36.36 -4.74
CA LYS E 219 58.33 -37.40 -5.39
C LYS E 219 59.45 -36.77 -6.19
N LYS E 220 60.68 -37.13 -5.86
CA LYS E 220 61.84 -36.69 -6.62
C LYS E 220 61.88 -37.53 -7.91
N VAL E 221 62.06 -36.86 -9.05
CA VAL E 221 62.11 -37.54 -10.34
C VAL E 221 63.56 -37.40 -10.86
N GLU E 222 64.31 -38.51 -10.84
CA GLU E 222 65.74 -38.55 -11.19
C GLU E 222 66.04 -39.39 -12.43
N PRO E 223 67.19 -39.18 -13.11
CA PRO E 223 67.55 -40.12 -14.21
C PRO E 223 67.74 -41.52 -13.62
N LYS E 224 67.36 -42.57 -14.34
CA LYS E 224 67.41 -43.92 -13.77
C LYS E 224 68.85 -44.45 -13.59
N SER E 225 69.04 -45.49 -12.74
CA SER E 225 70.37 -46.07 -12.46
C SER E 225 71.09 -46.55 -13.73
N CYS E 226 70.32 -47.07 -14.70
CA CYS E 226 70.87 -47.56 -15.97
C CYS E 226 71.38 -46.42 -16.87
N ASP E 227 70.89 -45.18 -16.64
CA ASP E 227 71.27 -43.98 -17.41
C ASP E 227 72.73 -43.60 -17.14
N LYS E 228 73.56 -43.63 -18.21
CA LYS E 228 74.99 -43.29 -18.18
C LYS E 228 75.33 -42.15 -19.16
N THR E 229 74.29 -41.45 -19.67
CA THR E 229 74.42 -40.35 -20.61
C THR E 229 74.37 -38.98 -19.92
N HIS E 230 73.46 -38.83 -18.94
CA HIS E 230 73.27 -37.58 -18.20
C HIS E 230 74.11 -37.49 -16.93
N GLN F 1 15.78 -23.41 -13.31
CA GLN F 1 16.18 -24.26 -14.41
C GLN F 1 15.47 -23.85 -15.71
N SER F 2 15.03 -22.56 -15.79
CA SER F 2 14.62 -21.97 -17.07
C SER F 2 15.94 -21.72 -17.84
N VAL F 3 15.90 -21.75 -19.17
CA VAL F 3 17.13 -21.62 -19.98
C VAL F 3 16.90 -20.70 -21.17
N LEU F 4 18.00 -20.41 -21.88
CA LEU F 4 17.99 -19.68 -23.15
C LEU F 4 18.45 -20.64 -24.24
N THR F 5 17.88 -20.55 -25.46
CA THR F 5 18.22 -21.48 -26.55
C THR F 5 19.36 -20.95 -27.41
N GLN F 6 20.48 -21.68 -27.42
CA GLN F 6 21.61 -21.37 -28.27
C GLN F 6 21.85 -22.52 -29.27
N PRO F 7 22.37 -22.23 -30.49
CA PRO F 7 22.72 -23.34 -31.38
C PRO F 7 23.89 -24.13 -30.74
N PRO F 8 23.89 -25.49 -30.71
CA PRO F 8 25.02 -26.21 -30.08
C PRO F 8 26.39 -25.91 -30.70
N SER F 9 26.41 -25.69 -32.02
CA SER F 9 27.64 -25.46 -32.77
C SER F 9 27.49 -24.40 -33.85
N VAL F 10 28.54 -23.62 -34.03
CA VAL F 10 28.67 -22.61 -35.09
C VAL F 10 30.09 -22.72 -35.63
N SER F 11 30.23 -22.62 -36.97
CA SER F 11 31.52 -22.65 -37.64
C SER F 11 31.66 -21.43 -38.53
N GLY F 12 32.90 -21.02 -38.72
CA GLY F 12 33.26 -19.90 -39.57
C GLY F 12 34.70 -20.05 -39.98
N SER F 13 35.11 -19.27 -40.99
CA SER F 13 36.48 -19.28 -41.53
C SER F 13 37.17 -18.01 -41.07
N PRO F 14 38.51 -17.95 -41.01
CA PRO F 14 39.17 -16.72 -40.55
C PRO F 14 38.79 -15.50 -41.38
N GLY F 15 38.59 -14.37 -40.68
CA GLY F 15 38.21 -13.10 -41.29
C GLY F 15 36.71 -12.91 -41.46
N GLU F 16 35.94 -13.99 -41.32
CA GLU F 16 34.49 -13.96 -41.47
C GLU F 16 33.80 -13.39 -40.27
N THR F 17 32.55 -13.01 -40.46
CA THR F 17 31.67 -12.54 -39.39
C THR F 17 30.71 -13.68 -39.06
N VAL F 18 30.64 -14.07 -37.78
CA VAL F 18 29.77 -15.15 -37.33
C VAL F 18 28.82 -14.63 -36.24
N THR F 19 27.58 -15.16 -36.22
CA THR F 19 26.57 -14.75 -35.23
C THR F 19 26.09 -15.98 -34.41
N ILE F 20 26.02 -15.80 -33.10
CA ILE F 20 25.51 -16.83 -32.18
C ILE F 20 24.20 -16.26 -31.61
N SER F 21 23.05 -16.94 -31.85
CA SER F 21 21.74 -16.50 -31.37
C SER F 21 21.46 -17.05 -29.96
N CYS F 22 20.53 -16.40 -29.25
CA CYS F 22 20.19 -16.69 -27.87
C CYS F 22 18.70 -16.38 -27.69
N ALA F 23 17.85 -17.42 -27.88
CA ALA F 23 16.39 -17.26 -27.83
C ALA F 23 15.85 -17.40 -26.43
N GLY F 24 15.22 -16.35 -25.96
CA GLY F 24 14.61 -16.30 -24.63
C GLY F 24 13.13 -16.00 -24.68
N THR F 25 12.63 -15.39 -23.60
CA THR F 25 11.21 -15.06 -23.44
C THR F 25 11.06 -13.58 -23.05
N SER F 26 9.80 -13.14 -22.94
CA SER F 26 9.45 -11.77 -22.54
C SER F 26 9.79 -11.54 -21.05
N SER F 27 10.09 -12.61 -20.29
CA SER F 27 10.46 -12.50 -18.87
C SER F 27 11.98 -12.43 -18.67
N ASP F 28 12.78 -12.58 -19.76
CA ASP F 28 14.24 -12.50 -19.63
C ASP F 28 14.87 -11.63 -20.73
N VAL F 29 15.21 -12.19 -21.91
CA VAL F 29 15.79 -11.43 -23.02
C VAL F 29 14.90 -10.22 -23.39
N GLY F 30 13.59 -10.46 -23.52
CA GLY F 30 12.63 -9.42 -23.88
C GLY F 30 12.16 -8.54 -22.74
N TYR F 31 12.56 -8.88 -21.49
CA TYR F 31 12.16 -8.12 -20.28
C TYR F 31 12.84 -6.76 -20.14
N GLY F 32 14.08 -6.67 -20.59
CA GLY F 32 14.86 -5.43 -20.51
C GLY F 32 16.23 -5.67 -21.10
N ASN F 33 17.18 -4.76 -20.83
CA ASN F 33 18.55 -4.81 -21.37
C ASN F 33 19.50 -5.48 -20.41
N TYR F 34 19.27 -6.77 -20.17
CA TYR F 34 20.05 -7.52 -19.19
C TYR F 34 20.90 -8.62 -19.76
N VAL F 35 20.93 -8.80 -21.09
CA VAL F 35 21.71 -9.90 -21.71
C VAL F 35 23.22 -9.72 -21.50
N SER F 36 23.90 -10.79 -21.08
CA SER F 36 25.35 -10.89 -20.96
C SER F 36 25.87 -12.10 -21.75
N TRP F 37 27.14 -12.06 -22.13
CA TRP F 37 27.79 -13.11 -22.90
C TRP F 37 29.11 -13.42 -22.25
N TYR F 38 29.47 -14.70 -22.26
CA TYR F 38 30.69 -15.22 -21.65
C TYR F 38 31.41 -16.11 -22.62
N GLN F 39 32.73 -16.05 -22.62
CA GLN F 39 33.59 -16.96 -23.39
C GLN F 39 34.23 -17.93 -22.37
N GLN F 40 34.32 -19.22 -22.71
CA GLN F 40 34.96 -20.21 -21.85
C GLN F 40 35.98 -20.99 -22.67
N LEU F 41 37.25 -20.69 -22.43
CA LEU F 41 38.35 -21.33 -23.15
C LEU F 41 38.80 -22.63 -22.50
N PRO F 42 39.51 -23.52 -23.23
CA PRO F 42 39.94 -24.80 -22.64
C PRO F 42 40.63 -24.68 -21.27
N GLY F 43 40.08 -25.43 -20.32
CA GLY F 43 40.55 -25.52 -18.94
C GLY F 43 40.43 -24.24 -18.13
N MET F 44 39.56 -23.30 -18.56
CA MET F 44 39.40 -22.02 -17.89
C MET F 44 38.00 -21.77 -17.40
N ALA F 45 37.88 -20.83 -16.44
CA ALA F 45 36.61 -20.34 -15.93
C ALA F 45 36.01 -19.44 -17.04
N PRO F 46 34.68 -19.25 -17.07
CA PRO F 46 34.11 -18.30 -18.03
C PRO F 46 34.68 -16.87 -17.84
N ARG F 47 34.61 -16.07 -18.90
CA ARG F 47 35.07 -14.69 -18.91
C ARG F 47 33.98 -13.83 -19.51
N LEU F 48 33.65 -12.69 -18.85
CA LEU F 48 32.63 -11.77 -19.34
C LEU F 48 33.08 -11.11 -20.65
N LEU F 49 32.20 -11.12 -21.66
CA LEU F 49 32.49 -10.47 -22.95
C LEU F 49 31.62 -9.22 -23.12
N ILE F 50 30.30 -9.40 -22.94
CA ILE F 50 29.29 -8.37 -23.20
C ILE F 50 28.33 -8.32 -22.02
N TYR F 51 27.85 -7.12 -21.66
CA TYR F 51 26.84 -6.95 -20.60
C TYR F 51 25.82 -5.91 -21.12
N GLU F 52 24.64 -5.86 -20.49
CA GLU F 52 23.58 -4.91 -20.87
C GLU F 52 23.32 -4.92 -22.39
N VAL F 53 23.26 -6.13 -22.96
CA VAL F 53 23.00 -6.44 -24.37
C VAL F 53 24.18 -6.11 -25.32
N ASN F 54 24.72 -4.88 -25.27
CA ASN F 54 25.72 -4.42 -26.24
C ASN F 54 26.94 -3.71 -25.68
N LYS F 55 27.15 -3.74 -24.36
CA LYS F 55 28.31 -3.07 -23.79
C LYS F 55 29.46 -4.07 -23.66
N ARG F 56 30.65 -3.68 -24.13
CA ARG F 56 31.83 -4.54 -24.04
C ARG F 56 32.45 -4.48 -22.68
N ALA F 57 32.85 -5.65 -22.14
CA ALA F 57 33.55 -5.75 -20.85
C ALA F 57 35.01 -5.25 -21.07
N SER F 58 35.71 -4.87 -19.98
CA SER F 58 37.08 -4.35 -20.10
C SER F 58 38.06 -5.35 -20.73
N GLY F 59 38.88 -4.86 -21.67
CA GLY F 59 39.87 -5.67 -22.36
C GLY F 59 39.33 -6.59 -23.43
N ILE F 60 38.05 -6.35 -23.83
CA ILE F 60 37.39 -7.14 -24.87
C ILE F 60 37.46 -6.37 -26.18
N THR F 61 38.03 -7.01 -27.19
CA THR F 61 38.19 -6.46 -28.55
C THR F 61 36.84 -6.00 -29.13
N ASP F 62 36.89 -4.93 -29.95
CA ASP F 62 35.72 -4.39 -30.63
C ASP F 62 35.19 -5.36 -31.75
N ARG F 63 35.85 -6.53 -31.91
CA ARG F 63 35.43 -7.53 -32.89
C ARG F 63 34.15 -8.23 -32.34
N PHE F 64 33.96 -8.17 -31.00
CA PHE F 64 32.81 -8.76 -30.30
C PHE F 64 31.75 -7.69 -30.10
N SER F 65 30.52 -7.93 -30.59
CA SER F 65 29.40 -6.99 -30.44
C SER F 65 28.13 -7.77 -30.10
N GLY F 66 27.23 -7.11 -29.38
CA GLY F 66 25.97 -7.72 -28.97
C GLY F 66 24.78 -6.91 -29.41
N SER F 67 23.66 -7.57 -29.62
CA SER F 67 22.40 -6.93 -29.99
C SER F 67 21.24 -7.83 -29.55
N LYS F 68 20.01 -7.34 -29.70
CA LYS F 68 18.80 -8.15 -29.49
C LYS F 68 17.68 -7.59 -30.33
N SER F 69 16.70 -8.44 -30.63
CA SER F 69 15.49 -8.12 -31.37
C SER F 69 14.42 -9.02 -30.76
N GLY F 70 13.42 -8.40 -30.14
CA GLY F 70 12.35 -9.09 -29.44
C GLY F 70 12.90 -9.94 -28.31
N ASN F 71 12.62 -11.25 -28.37
CA ASN F 71 13.08 -12.18 -27.33
C ASN F 71 14.36 -12.90 -27.69
N THR F 72 15.04 -12.49 -28.77
CA THR F 72 16.29 -13.12 -29.21
C THR F 72 17.45 -12.15 -29.22
N ALA F 73 18.54 -12.53 -28.52
CA ALA F 73 19.80 -11.81 -28.47
C ALA F 73 20.82 -12.49 -29.41
N SER F 74 21.85 -11.73 -29.80
CA SER F 74 22.89 -12.18 -30.72
C SER F 74 24.25 -11.66 -30.34
N LEU F 75 25.25 -12.55 -30.41
CA LEU F 75 26.64 -12.18 -30.24
C LEU F 75 27.21 -12.22 -31.66
N THR F 76 27.85 -11.15 -32.10
CA THR F 76 28.47 -11.11 -33.45
C THR F 76 29.97 -11.00 -33.23
N ILE F 77 30.71 -11.88 -33.91
CA ILE F 77 32.18 -11.89 -33.88
C ILE F 77 32.65 -11.58 -35.30
N SER F 78 33.29 -10.43 -35.49
CA SER F 78 33.79 -10.08 -36.83
C SER F 78 35.29 -10.38 -36.88
N GLY F 79 35.83 -10.48 -38.09
CA GLY F 79 37.25 -10.75 -38.28
C GLY F 79 37.69 -12.00 -37.54
N LEU F 80 36.85 -13.06 -37.59
CA LEU F 80 37.08 -14.33 -36.90
C LEU F 80 38.56 -14.77 -36.93
N GLN F 81 39.10 -15.08 -35.76
CA GLN F 81 40.46 -15.56 -35.56
C GLN F 81 40.43 -16.95 -34.95
N SER F 82 41.49 -17.74 -35.16
CA SER F 82 41.66 -19.07 -34.55
C SER F 82 41.52 -19.00 -33.02
N GLU F 83 41.98 -17.88 -32.39
CA GLU F 83 41.93 -17.63 -30.94
C GLU F 83 40.50 -17.55 -30.40
N ASP F 84 39.51 -17.33 -31.28
CA ASP F 84 38.10 -17.21 -30.89
C ASP F 84 37.45 -18.58 -30.66
N GLU F 85 38.13 -19.68 -31.07
CA GLU F 85 37.58 -21.04 -30.89
C GLU F 85 37.37 -21.31 -29.40
N GLY F 86 36.17 -21.79 -29.05
CA GLY F 86 35.81 -22.11 -27.67
C GLY F 86 34.33 -22.08 -27.45
N ASP F 87 33.92 -22.06 -26.17
CA ASP F 87 32.51 -22.06 -25.79
C ASP F 87 31.98 -20.69 -25.46
N TYR F 88 30.75 -20.45 -25.88
CA TYR F 88 30.12 -19.16 -25.68
C TYR F 88 28.76 -19.35 -25.06
N TYR F 89 28.50 -18.63 -23.95
CA TYR F 89 27.22 -18.67 -23.25
C TYR F 89 26.57 -17.31 -23.21
N CYS F 90 25.27 -17.27 -23.46
CA CYS F 90 24.52 -16.04 -23.16
C CYS F 90 23.90 -16.23 -21.76
N ALA F 91 23.43 -15.14 -21.16
CA ALA F 91 22.74 -15.16 -19.87
C ALA F 91 21.81 -13.94 -19.79
N SER F 92 20.81 -14.01 -18.92
CA SER F 92 19.93 -12.89 -18.70
C SER F 92 19.42 -12.91 -17.29
N TYR F 93 19.08 -11.70 -16.76
CA TYR F 93 18.27 -11.60 -15.58
C TYR F 93 16.89 -12.17 -16.04
N ARG F 94 16.17 -12.85 -15.14
CA ARG F 94 14.84 -13.34 -15.45
C ARG F 94 13.94 -12.91 -14.32
N SER F 95 12.81 -12.27 -14.67
CA SER F 95 11.82 -11.84 -13.70
C SER F 95 11.26 -13.12 -12.99
N SER F 96 11.28 -13.17 -11.65
CA SER F 96 11.80 -12.18 -10.71
C SER F 96 12.96 -12.81 -9.91
N ASN F 97 14.00 -12.00 -9.59
CA ASN F 97 15.19 -12.36 -8.77
C ASN F 97 15.89 -13.62 -9.27
N ASN F 98 16.06 -13.75 -10.58
CA ASN F 98 16.62 -14.96 -11.15
C ASN F 98 17.65 -14.64 -12.25
N ALA F 99 18.60 -15.56 -12.47
CA ALA F 99 19.60 -15.44 -13.55
C ALA F 99 19.59 -16.76 -14.32
N VAL F 100 19.33 -16.68 -15.63
CA VAL F 100 19.27 -17.87 -16.50
C VAL F 100 20.38 -17.84 -17.54
N PHE F 101 20.79 -19.00 -18.00
CA PHE F 101 21.84 -19.09 -19.00
C PHE F 101 21.36 -19.84 -20.24
N GLY F 102 21.99 -19.52 -21.36
CA GLY F 102 21.88 -20.28 -22.60
C GLY F 102 22.66 -21.58 -22.41
N GLY F 103 22.33 -22.59 -23.22
CA GLY F 103 22.94 -23.92 -23.18
C GLY F 103 24.38 -24.02 -23.66
N GLY F 104 24.88 -22.98 -24.30
CA GLY F 104 26.25 -22.93 -24.80
C GLY F 104 26.38 -23.28 -26.28
N THR F 105 27.35 -22.64 -26.91
CA THR F 105 27.71 -22.83 -28.31
C THR F 105 29.20 -23.07 -28.43
N HIS F 106 29.57 -24.17 -29.11
CA HIS F 106 30.95 -24.38 -29.46
C HIS F 106 31.21 -23.70 -30.82
N LEU F 107 32.14 -22.77 -30.81
CA LEU F 107 32.52 -22.06 -32.00
C LEU F 107 33.75 -22.72 -32.62
N THR F 108 33.62 -23.26 -33.85
CA THR F 108 34.70 -23.91 -34.61
C THR F 108 35.25 -22.92 -35.64
N VAL F 109 36.58 -22.80 -35.70
CA VAL F 109 37.23 -21.96 -36.70
C VAL F 109 37.76 -22.96 -37.73
N LEU F 110 37.15 -22.95 -38.91
CA LEU F 110 37.49 -23.86 -40.01
C LEU F 110 38.84 -23.55 -40.67
N GLY F 111 39.35 -24.52 -41.42
CA GLY F 111 40.58 -24.42 -42.20
C GLY F 111 41.90 -24.37 -41.46
N GLN F 112 41.93 -24.80 -40.17
CA GLN F 112 43.17 -24.81 -39.38
C GLN F 112 44.08 -25.96 -39.86
N PRO F 113 45.42 -25.75 -39.88
CA PRO F 113 46.30 -26.78 -40.44
C PRO F 113 46.36 -28.06 -39.63
N LYS F 114 46.54 -29.17 -40.35
CA LYS F 114 46.67 -30.47 -39.75
C LYS F 114 48.02 -30.52 -38.99
N ALA F 115 48.04 -31.13 -37.79
CA ALA F 115 49.26 -31.27 -36.99
C ALA F 115 49.35 -32.69 -36.47
N ALA F 116 50.48 -33.36 -36.71
CA ALA F 116 50.69 -34.74 -36.27
C ALA F 116 50.96 -34.74 -34.76
N PRO F 117 50.56 -35.81 -34.03
CA PRO F 117 50.82 -35.85 -32.59
C PRO F 117 52.27 -36.05 -32.21
N SER F 118 52.64 -35.47 -31.03
CA SER F 118 53.90 -35.72 -30.36
C SER F 118 53.57 -36.86 -29.41
N VAL F 119 54.40 -37.90 -29.42
CA VAL F 119 54.18 -39.08 -28.59
C VAL F 119 55.34 -39.27 -27.64
N THR F 120 55.03 -39.39 -26.34
CA THR F 120 56.02 -39.68 -25.30
C THR F 120 55.57 -40.96 -24.57
N LEU F 121 56.43 -41.95 -24.51
CA LEU F 121 56.15 -43.23 -23.87
C LEU F 121 57.09 -43.50 -22.69
N PHE F 122 56.51 -43.78 -21.53
CA PHE F 122 57.28 -44.14 -20.35
C PHE F 122 57.04 -45.60 -19.99
N PRO F 123 58.11 -46.35 -19.65
CA PRO F 123 57.92 -47.73 -19.18
C PRO F 123 57.56 -47.71 -17.67
N PRO F 124 57.22 -48.87 -17.03
CA PRO F 124 56.98 -48.84 -15.58
C PRO F 124 58.25 -48.39 -14.82
N SER F 125 58.07 -47.67 -13.73
CA SER F 125 59.18 -47.25 -12.88
C SER F 125 59.62 -48.43 -12.00
N SER F 126 60.87 -48.37 -11.47
CA SER F 126 61.39 -49.39 -10.56
C SER F 126 60.52 -49.42 -9.31
N GLU F 127 60.08 -48.23 -8.85
CA GLU F 127 59.24 -48.06 -7.67
C GLU F 127 57.92 -48.80 -7.84
N GLU F 128 57.25 -48.64 -9.00
CA GLU F 128 55.98 -49.31 -9.27
C GLU F 128 56.16 -50.83 -9.34
N LEU F 129 57.23 -51.31 -10.01
CA LEU F 129 57.55 -52.74 -10.12
C LEU F 129 57.83 -53.33 -8.72
N GLN F 130 58.41 -52.53 -7.80
CA GLN F 130 58.62 -52.97 -6.41
C GLN F 130 57.28 -53.07 -5.65
N ALA F 131 56.26 -52.28 -6.07
CA ALA F 131 54.92 -52.29 -5.49
C ALA F 131 54.00 -53.32 -6.18
N ASN F 132 54.61 -54.24 -6.95
CA ASN F 132 54.00 -55.36 -7.68
C ASN F 132 52.99 -54.94 -8.75
N LYS F 133 53.27 -53.80 -9.42
CA LYS F 133 52.41 -53.26 -10.49
C LYS F 133 53.27 -52.77 -11.65
N ALA F 134 52.68 -52.58 -12.83
CA ALA F 134 53.40 -52.12 -14.02
C ALA F 134 52.48 -51.31 -14.96
N THR F 135 52.73 -50.02 -15.12
CA THR F 135 51.93 -49.19 -16.01
C THR F 135 52.82 -48.57 -17.09
N LEU F 136 52.42 -48.74 -18.36
CA LEU F 136 53.06 -48.08 -19.51
C LEU F 136 52.23 -46.84 -19.80
N VAL F 137 52.89 -45.70 -19.90
CA VAL F 137 52.21 -44.42 -20.05
C VAL F 137 52.52 -43.81 -21.40
N CYS F 138 51.48 -43.66 -22.23
CA CYS F 138 51.61 -43.06 -23.56
C CYS F 138 50.92 -41.67 -23.60
N LEU F 139 51.71 -40.60 -23.67
CA LEU F 139 51.23 -39.21 -23.66
C LEU F 139 51.27 -38.60 -25.05
N ILE F 140 50.10 -38.16 -25.51
CA ILE F 140 49.90 -37.70 -26.89
C ILE F 140 49.49 -36.24 -26.90
N SER F 141 50.24 -35.40 -27.60
CA SER F 141 49.90 -33.98 -27.57
C SER F 141 50.07 -33.26 -28.90
N ASP F 142 49.53 -32.02 -28.97
CA ASP F 142 49.64 -31.08 -30.09
C ASP F 142 49.15 -31.63 -31.46
N PHE F 143 48.09 -32.43 -31.45
CA PHE F 143 47.53 -32.94 -32.69
C PHE F 143 46.27 -32.16 -33.08
N TYR F 144 46.06 -32.02 -34.37
CA TYR F 144 44.90 -31.33 -34.92
C TYR F 144 44.57 -31.98 -36.27
N PRO F 145 43.29 -32.38 -36.57
CA PRO F 145 42.08 -32.32 -35.71
C PRO F 145 42.17 -33.29 -34.53
N GLY F 146 41.26 -33.11 -33.56
CA GLY F 146 41.24 -33.87 -32.31
C GLY F 146 40.60 -35.24 -32.36
N ALA F 147 41.21 -36.12 -33.14
CA ALA F 147 40.76 -37.51 -33.30
C ALA F 147 41.97 -38.39 -33.55
N VAL F 148 42.21 -39.36 -32.66
CA VAL F 148 43.27 -40.34 -32.79
C VAL F 148 42.74 -41.72 -32.45
N THR F 149 43.47 -42.74 -32.88
CA THR F 149 43.24 -44.12 -32.49
C THR F 149 44.59 -44.62 -31.96
N VAL F 150 44.57 -45.29 -30.81
CA VAL F 150 45.78 -45.77 -30.15
C VAL F 150 45.73 -47.29 -30.14
N ALA F 151 46.78 -47.92 -30.69
CA ALA F 151 46.95 -49.37 -30.70
C ALA F 151 48.25 -49.70 -29.96
N TRP F 152 48.21 -50.70 -29.08
CA TRP F 152 49.40 -51.16 -28.38
C TRP F 152 49.87 -52.47 -28.99
N LYS F 153 51.19 -52.68 -29.01
CA LYS F 153 51.78 -53.92 -29.51
C LYS F 153 52.72 -54.50 -28.47
N ALA F 154 52.62 -55.83 -28.24
CA ALA F 154 53.51 -56.55 -27.35
C ALA F 154 54.34 -57.39 -28.34
N ASP F 155 55.57 -56.97 -28.56
CA ASP F 155 56.47 -57.45 -29.60
C ASP F 155 55.79 -57.04 -30.93
N SER F 156 55.33 -57.98 -31.77
CA SER F 156 54.62 -57.64 -32.99
C SER F 156 53.10 -57.94 -32.87
N SER F 157 52.65 -58.41 -31.67
CA SER F 157 51.25 -58.79 -31.39
C SER F 157 50.35 -57.67 -30.88
N PRO F 158 49.14 -57.49 -31.47
CA PRO F 158 48.17 -56.51 -30.93
C PRO F 158 47.80 -56.82 -29.48
N VAL F 159 47.76 -55.78 -28.64
CA VAL F 159 47.40 -55.91 -27.22
C VAL F 159 45.88 -55.70 -27.12
N LYS F 160 45.16 -56.75 -26.63
CA LYS F 160 43.69 -56.84 -26.52
C LYS F 160 43.05 -56.65 -25.08
N ALA F 161 43.87 -56.42 -24.03
CA ALA F 161 43.46 -56.22 -22.61
C ALA F 161 44.36 -55.19 -21.94
N GLY F 162 43.87 -54.53 -20.87
CA GLY F 162 44.59 -53.58 -20.02
C GLY F 162 44.81 -52.19 -20.58
N VAL F 163 44.21 -51.88 -21.74
CA VAL F 163 44.34 -50.58 -22.40
C VAL F 163 43.20 -49.64 -21.97
N GLU F 164 43.56 -48.42 -21.52
CA GLU F 164 42.62 -47.37 -21.17
C GLU F 164 43.12 -46.06 -21.81
N THR F 165 42.31 -45.51 -22.71
CA THR F 165 42.64 -44.30 -23.48
C THR F 165 41.61 -43.22 -23.20
N THR F 166 42.08 -41.98 -22.98
CA THR F 166 41.20 -40.85 -22.75
C THR F 166 40.59 -40.38 -24.08
N THR F 167 39.50 -39.61 -24.00
CA THR F 167 38.93 -38.93 -25.16
C THR F 167 39.92 -37.78 -25.46
N PRO F 168 40.07 -37.24 -26.69
CA PRO F 168 40.98 -36.09 -26.86
C PRO F 168 40.39 -34.85 -26.19
N SER F 169 41.25 -34.01 -25.60
CA SER F 169 40.77 -32.78 -24.96
C SER F 169 41.53 -31.60 -25.56
N LYS F 170 40.84 -30.50 -25.77
CA LYS F 170 41.43 -29.30 -26.38
C LYS F 170 42.40 -28.60 -25.44
N GLN F 171 43.58 -28.25 -25.97
CA GLN F 171 44.64 -27.51 -25.28
C GLN F 171 44.41 -26.00 -25.57
N SER F 172 45.13 -25.12 -24.85
CA SER F 172 45.07 -23.66 -25.03
C SER F 172 45.38 -23.21 -26.47
N ASN F 173 46.29 -23.92 -27.19
CA ASN F 173 46.66 -23.57 -28.57
C ASN F 173 45.69 -24.10 -29.66
N ASN F 174 44.47 -24.60 -29.28
CA ASN F 174 43.45 -25.20 -30.16
C ASN F 174 43.84 -26.59 -30.62
N LYS F 175 45.03 -27.06 -30.25
CA LYS F 175 45.45 -28.43 -30.60
C LYS F 175 44.95 -29.37 -29.51
N TYR F 176 45.13 -30.68 -29.68
CA TYR F 176 44.56 -31.66 -28.76
C TYR F 176 45.56 -32.54 -28.06
N ALA F 177 45.16 -33.06 -26.89
CA ALA F 177 45.96 -33.99 -26.10
C ALA F 177 45.13 -35.20 -25.70
N ALA F 178 45.80 -36.32 -25.52
CA ALA F 178 45.18 -37.55 -25.04
C ALA F 178 46.25 -38.39 -24.36
N SER F 179 45.84 -39.38 -23.58
CA SER F 179 46.78 -40.30 -22.98
C SER F 179 46.22 -41.72 -22.98
N SER F 180 47.12 -42.69 -23.11
CA SER F 180 46.75 -44.10 -23.10
C SER F 180 47.63 -44.82 -22.08
N TYR F 181 46.98 -45.65 -21.31
CA TYR F 181 47.63 -46.42 -20.25
C TYR F 181 47.52 -47.90 -20.52
N LEU F 182 48.66 -48.61 -20.43
CA LEU F 182 48.64 -50.06 -20.54
C LEU F 182 49.03 -50.60 -19.14
N SER F 183 48.02 -51.11 -18.41
CA SER F 183 48.18 -51.61 -17.03
C SER F 183 48.44 -53.08 -17.06
N LEU F 184 49.59 -53.48 -16.54
CA LEU F 184 50.06 -54.85 -16.50
C LEU F 184 50.51 -55.26 -15.11
N THR F 185 50.68 -56.57 -14.90
CA THR F 185 51.29 -57.09 -13.69
C THR F 185 52.79 -57.17 -14.06
N PRO F 186 53.75 -57.19 -13.12
CA PRO F 186 55.18 -57.35 -13.51
C PRO F 186 55.42 -58.63 -14.34
N GLU F 187 54.62 -59.72 -14.11
CA GLU F 187 54.74 -61.00 -14.86
C GLU F 187 54.37 -60.85 -16.34
N GLN F 188 53.33 -60.09 -16.64
CA GLN F 188 52.90 -59.78 -18.01
C GLN F 188 54.01 -58.91 -18.68
N TRP F 189 54.45 -57.84 -17.98
CA TRP F 189 55.50 -56.90 -18.43
C TRP F 189 56.75 -57.63 -18.88
N LYS F 190 57.26 -58.61 -18.08
N LYS F 190 57.21 -58.62 -18.08
CA LYS F 190 58.47 -59.33 -18.46
CA LYS F 190 58.38 -59.44 -18.33
C LYS F 190 58.23 -60.47 -19.49
C LYS F 190 58.19 -60.54 -19.39
N SER F 191 56.99 -60.65 -19.98
CA SER F 191 56.68 -61.72 -20.97
C SER F 191 56.95 -61.31 -22.42
N HIS F 192 57.37 -60.06 -22.64
CA HIS F 192 57.68 -59.52 -23.97
C HIS F 192 59.03 -58.80 -24.05
N ARG F 193 59.63 -58.79 -25.24
CA ARG F 193 60.91 -58.14 -25.46
C ARG F 193 60.74 -56.63 -25.71
N SER F 194 59.58 -56.21 -26.23
CA SER F 194 59.33 -54.78 -26.45
C SER F 194 57.84 -54.55 -26.43
N TYR F 195 57.43 -53.27 -26.22
CA TYR F 195 56.04 -52.80 -26.26
C TYR F 195 56.02 -51.51 -27.08
N SER F 196 54.97 -51.32 -27.87
CA SER F 196 54.86 -50.11 -28.67
C SER F 196 53.51 -49.43 -28.49
N CYS F 197 53.54 -48.10 -28.37
CA CYS F 197 52.33 -47.31 -28.37
C CYS F 197 52.30 -46.71 -29.77
N GLN F 198 51.26 -47.05 -30.57
CA GLN F 198 51.13 -46.57 -31.95
C GLN F 198 49.93 -45.68 -32.06
N VAL F 199 50.16 -44.44 -32.46
CA VAL F 199 49.11 -43.43 -32.54
C VAL F 199 48.82 -43.09 -33.99
N THR F 200 47.60 -43.40 -34.45
CA THR F 200 47.16 -43.13 -35.82
C THR F 200 46.35 -41.84 -35.84
N HIS F 201 46.80 -40.91 -36.68
CA HIS F 201 46.18 -39.61 -36.83
C HIS F 201 46.13 -39.29 -38.32
N GLU F 202 44.90 -39.06 -38.84
CA GLU F 202 44.64 -38.74 -40.25
C GLU F 202 45.33 -39.75 -41.19
N GLY F 203 45.19 -41.03 -40.86
CA GLY F 203 45.79 -42.11 -41.63
C GLY F 203 47.27 -42.38 -41.49
N SER F 204 48.02 -41.55 -40.73
CA SER F 204 49.45 -41.79 -40.51
C SER F 204 49.75 -42.15 -39.05
N THR F 205 50.66 -43.12 -38.83
CA THR F 205 51.00 -43.65 -37.52
C THR F 205 52.37 -43.17 -36.96
N VAL F 206 52.33 -42.66 -35.72
CA VAL F 206 53.48 -42.21 -34.92
C VAL F 206 53.64 -43.27 -33.84
N GLU F 207 54.83 -43.86 -33.70
CA GLU F 207 55.00 -44.87 -32.67
C GLU F 207 56.25 -44.67 -31.78
N LYS F 208 56.15 -45.13 -30.54
CA LYS F 208 57.25 -45.12 -29.57
C LYS F 208 57.35 -46.53 -28.98
N THR F 209 58.57 -46.96 -28.65
CA THR F 209 58.81 -48.30 -28.15
C THR F 209 59.64 -48.29 -26.86
N VAL F 210 59.31 -49.21 -25.93
CA VAL F 210 60.02 -49.44 -24.66
C VAL F 210 60.32 -50.96 -24.51
N ALA F 211 61.40 -51.30 -23.81
CA ALA F 211 61.77 -52.69 -23.59
C ALA F 211 62.02 -52.98 -22.11
N PRO F 212 61.52 -54.13 -21.57
CA PRO F 212 61.79 -54.46 -20.15
C PRO F 212 63.27 -54.56 -19.77
N THR F 213 64.13 -55.04 -20.67
CA THR F 213 65.56 -55.22 -20.39
C THR F 213 66.44 -54.04 -20.85
N GLU F 214 65.84 -53.00 -21.44
CA GLU F 214 66.60 -51.82 -21.92
C GLU F 214 66.42 -50.61 -21.03
N CYS F 215 67.29 -49.61 -21.22
CA CYS F 215 67.24 -48.35 -20.50
C CYS F 215 66.65 -47.36 -21.50
N SER F 216 65.32 -47.14 -21.41
CA SER F 216 64.59 -46.28 -22.35
C SER F 216 65.02 -44.81 -22.32
#